data_1K1X
#
_entry.id   1K1X
#
_cell.length_a   137.682
_cell.length_b   161.494
_cell.length_c   70.384
_cell.angle_alpha   90.00
_cell.angle_beta   90.00
_cell.angle_gamma   90.00
#
_symmetry.space_group_name_H-M   'P 21 21 2'
#
loop_
_entity.id
_entity.type
_entity.pdbx_description
1 polymer 4-ALPHA-GLUCANOTRANSFERASE
2 non-polymer 'CALCIUM ION'
3 non-polymer 2-AMINO-2-HYDROXYMETHYL-PROPANE-1,3-DIOL
4 water water
#
_entity_poly.entity_id   1
_entity_poly.type   'polypeptide(L)'
_entity_poly.pdbx_seq_one_letter_code
;MERINFIFGIHNHQPLGNFGWVFEEAYNRSYRPFMEILEEFPEMKVNVHFSGPLLEWIEENKPDYLDLLRSLIKRGQLEI
VVAGFYEPVLAAIPKEDRLVQIEMLKDYARKLGYDAKGVWLTERVWQPELVKSLREAGIEYVVVDDYHFMSAGLSKEELF
WPYYTEDGGEVITVFPIDEKLRYLIPFRPVKKTIEYLESLTSDDPSKVAVFHDDGEKFGVWPGTYEWVYEKGWLREFFDA
ITSNEKINLMTYSEYLSKFTPRGLVYLPIASYFEMSEWSLPAKQAKLFVEFVEQLKEEGKFEKYRVFVRGGIWKNFFFKY
PESNFMHKRMLMVSKAVRDNPEARKYILKAQCNDAYWHGVFGGIYLPHLRRTVWENIIKAQRYLKPENKILDVDFDGRAE
IMVENDGFIATIKPHYGGSIFELSSKRKAVNYNDVLPRRWEHYHEVPEATKPEKESEEGIASIHELGKQIPEEIRRELAY
DWQLRAILQDHFIKPEETLDNYRLVKYHELGDFVNQPYEYEMIENGVKLWREGGVYAEEKIPARVEKKIELTEDGFIAKY
RVLLEKPYKALFGVEINLAVHSVMEKPEEFEAKEFEVNDPYGIGKVRIELDKAAKVWKFPIKTLSQSEAGWDFIQQGVSY
TMLFPIEKELEFTVRFREL
;
_entity_poly.pdbx_strand_id   A,B
#
loop_
_chem_comp.id
_chem_comp.type
_chem_comp.name
_chem_comp.formula
CA non-polymer 'CALCIUM ION' 'Ca 2'
TRS non-polymer 2-AMINO-2-HYDROXYMETHYL-PROPANE-1,3-DIOL 'C4 H12 N O3 1'
#
# COMPACT_ATOMS: atom_id res chain seq x y z
N MET A 1 -39.64 -2.29 0.43
CA MET A 1 -38.76 -2.30 1.65
C MET A 1 -38.12 -0.93 1.82
N GLU A 2 -36.83 -0.89 2.08
CA GLU A 2 -36.12 0.38 2.26
C GLU A 2 -35.72 0.97 0.91
N ARG A 3 -35.59 2.29 0.87
CA ARG A 3 -35.16 2.99 -0.34
C ARG A 3 -33.66 2.84 -0.44
N ILE A 4 -33.13 2.94 -1.65
CA ILE A 4 -31.67 2.88 -1.80
C ILE A 4 -31.24 4.33 -1.90
N ASN A 5 -30.18 4.70 -1.19
CA ASN A 5 -29.67 6.06 -1.26
C ASN A 5 -28.71 6.12 -2.45
N PHE A 6 -28.73 7.25 -3.16
CA PHE A 6 -27.87 7.42 -4.32
C PHE A 6 -27.12 8.74 -4.28
N ILE A 7 -25.80 8.66 -4.46
CA ILE A 7 -24.94 9.84 -4.46
C ILE A 7 -24.40 10.02 -5.87
N PHE A 8 -24.63 11.20 -6.43
CA PHE A 8 -24.20 11.53 -7.79
C PHE A 8 -23.10 12.59 -7.77
N GLY A 9 -21.94 12.28 -8.35
CA GLY A 9 -20.89 13.28 -8.35
C GLY A 9 -20.06 13.33 -9.61
N ILE A 10 -19.52 14.51 -9.89
CA ILE A 10 -18.66 14.69 -11.05
C ILE A 10 -17.35 15.35 -10.60
N HIS A 11 -16.33 15.20 -11.45
CA HIS A 11 -15.00 15.72 -11.20
C HIS A 11 -14.57 16.47 -12.46
N ASN A 12 -14.34 17.77 -12.31
CA ASN A 12 -13.93 18.62 -13.43
C ASN A 12 -12.52 19.13 -13.24
N HIS A 13 -11.63 18.72 -14.13
CA HIS A 13 -10.25 19.12 -14.04
C HIS A 13 -9.66 19.42 -15.41
N GLN A 14 -8.80 20.44 -15.42
CA GLN A 14 -8.12 20.86 -16.64
C GLN A 14 -6.69 21.12 -16.16
N PRO A 15 -5.72 20.35 -16.66
CA PRO A 15 -4.33 20.55 -16.24
C PRO A 15 -3.67 21.87 -16.64
N LEU A 16 -2.77 22.36 -15.79
CA LEU A 16 -2.04 23.59 -16.08
C LEU A 16 -1.27 23.29 -17.36
N GLY A 17 -1.27 24.25 -18.28
CA GLY A 17 -0.57 24.04 -19.54
C GLY A 17 -1.50 23.67 -20.69
N ASN A 18 -2.75 23.33 -20.40
CA ASN A 18 -3.66 22.98 -21.48
C ASN A 18 -3.90 24.19 -22.38
N PHE A 19 -4.17 23.94 -23.66
CA PHE A 19 -4.42 25.02 -24.61
C PHE A 19 -5.67 25.79 -24.20
N GLY A 20 -5.72 27.07 -24.56
CA GLY A 20 -6.86 27.89 -24.22
C GLY A 20 -8.16 27.31 -24.73
N TRP A 21 -8.18 26.86 -25.99
CA TRP A 21 -9.41 26.33 -26.57
C TRP A 21 -9.90 25.08 -25.86
N VAL A 22 -8.99 24.34 -25.24
CA VAL A 22 -9.40 23.13 -24.53
C VAL A 22 -10.31 23.48 -23.33
N PHE A 23 -9.98 24.56 -22.60
CA PHE A 23 -10.82 24.97 -21.47
C PHE A 23 -12.16 25.44 -22.00
N GLU A 24 -12.11 26.26 -23.05
CA GLU A 24 -13.29 26.82 -23.68
C GLU A 24 -14.24 25.71 -24.14
N GLU A 25 -13.71 24.71 -24.81
CA GLU A 25 -14.52 23.60 -25.29
C GLU A 25 -15.11 22.82 -24.12
N ALA A 26 -14.31 22.54 -23.09
CA ALA A 26 -14.78 21.79 -21.93
C ALA A 26 -15.92 22.51 -21.24
N TYR A 27 -15.84 23.84 -21.22
CA TYR A 27 -16.86 24.66 -20.58
C TYR A 27 -18.19 24.69 -21.35
N ASN A 28 -18.11 24.93 -22.66
CA ASN A 28 -19.31 25.01 -23.49
C ASN A 28 -19.91 23.64 -23.80
N ARG A 29 -19.07 22.62 -23.77
CA ARG A 29 -19.47 21.25 -24.07
C ARG A 29 -19.96 20.47 -22.85
N SER A 30 -19.51 20.86 -21.65
CA SER A 30 -19.87 20.13 -20.45
C SER A 30 -20.16 20.92 -19.17
N TYR A 31 -19.18 21.66 -18.68
CA TYR A 31 -19.34 22.42 -17.45
C TYR A 31 -20.59 23.30 -17.42
N ARG A 32 -20.82 24.04 -18.51
CA ARG A 32 -21.98 24.92 -18.57
C ARG A 32 -23.32 24.21 -18.78
N PRO A 33 -23.46 23.42 -19.87
CA PRO A 33 -24.75 22.73 -20.09
C PRO A 33 -25.20 21.84 -18.92
N PHE A 34 -24.26 21.10 -18.34
CA PHE A 34 -24.59 20.24 -17.20
C PHE A 34 -25.26 21.05 -16.07
N MET A 35 -24.67 22.19 -15.72
CA MET A 35 -25.24 23.00 -14.64
C MET A 35 -26.51 23.73 -15.04
N GLU A 36 -26.62 24.09 -16.31
CA GLU A 36 -27.82 24.77 -16.78
C GLU A 36 -29.00 23.78 -16.71
N ILE A 37 -28.73 22.53 -17.05
CA ILE A 37 -29.76 21.51 -17.00
C ILE A 37 -30.04 21.13 -15.56
N LEU A 38 -29.02 21.24 -14.71
CA LEU A 38 -29.20 20.93 -13.29
C LEU A 38 -30.17 21.93 -12.67
N GLU A 39 -30.09 23.18 -13.11
CA GLU A 39 -30.96 24.21 -12.56
C GLU A 39 -32.43 23.97 -12.88
N GLU A 40 -32.72 23.16 -13.89
CA GLU A 40 -34.09 22.86 -14.28
C GLU A 40 -34.75 21.82 -13.38
N PHE A 41 -33.96 21.14 -12.56
CA PHE A 41 -34.48 20.11 -11.66
C PHE A 41 -34.12 20.41 -10.20
N PRO A 42 -34.88 21.32 -9.55
CA PRO A 42 -34.66 21.72 -8.16
C PRO A 42 -34.38 20.62 -7.15
N GLU A 43 -34.86 19.40 -7.41
CA GLU A 43 -34.64 18.29 -6.48
C GLU A 43 -33.37 17.48 -6.73
N MET A 44 -32.70 17.75 -7.84
CA MET A 44 -31.47 17.01 -8.16
C MET A 44 -30.32 17.53 -7.33
N LYS A 45 -29.56 16.61 -6.74
CA LYS A 45 -28.41 16.97 -5.93
C LYS A 45 -27.17 16.37 -6.59
N VAL A 46 -26.11 17.17 -6.68
CA VAL A 46 -24.87 16.73 -7.29
C VAL A 46 -23.69 17.09 -6.38
N ASN A 47 -22.69 16.21 -6.36
CA ASN A 47 -21.49 16.44 -5.57
C ASN A 47 -20.42 16.75 -6.61
N VAL A 48 -19.99 18.00 -6.67
CA VAL A 48 -19.02 18.37 -7.69
C VAL A 48 -17.68 18.87 -7.19
N HIS A 49 -16.65 18.53 -7.94
CA HIS A 49 -15.31 18.96 -7.63
C HIS A 49 -14.72 19.69 -8.84
N PHE A 50 -14.18 20.89 -8.58
CA PHE A 50 -13.54 21.69 -9.63
C PHE A 50 -12.08 21.85 -9.20
N SER A 51 -11.15 21.68 -10.14
CA SER A 51 -9.74 21.85 -9.81
C SER A 51 -9.49 23.36 -9.78
N GLY A 52 -8.46 23.77 -9.04
CA GLY A 52 -8.14 25.19 -8.91
C GLY A 52 -7.95 25.99 -10.19
N PRO A 53 -7.08 25.53 -11.10
CA PRO A 53 -6.85 26.25 -12.35
C PRO A 53 -8.16 26.46 -13.11
N LEU A 54 -9.01 25.44 -13.11
CA LEU A 54 -10.30 25.52 -13.78
C LEU A 54 -11.13 26.64 -13.17
N LEU A 55 -11.21 26.68 -11.85
CA LEU A 55 -11.97 27.72 -11.18
C LEU A 55 -11.40 29.11 -11.49
N GLU A 56 -10.09 29.19 -11.70
CA GLU A 56 -9.49 30.48 -11.99
C GLU A 56 -9.76 30.91 -13.43
N TRP A 57 -9.75 29.95 -14.35
CA TRP A 57 -10.05 30.23 -15.74
C TRP A 57 -11.50 30.71 -15.80
N ILE A 58 -12.36 30.08 -15.01
CA ILE A 58 -13.77 30.44 -14.97
C ILE A 58 -14.03 31.83 -14.38
N GLU A 59 -13.28 32.18 -13.34
CA GLU A 59 -13.43 33.49 -12.71
C GLU A 59 -13.09 34.59 -13.74
N GLU A 60 -11.99 34.41 -14.43
CA GLU A 60 -11.53 35.36 -15.44
C GLU A 60 -12.37 35.44 -16.71
N ASN A 61 -12.98 34.33 -17.12
CA ASN A 61 -13.75 34.30 -18.36
C ASN A 61 -15.24 34.14 -18.25
N LYS A 62 -15.70 33.29 -17.34
CA LYS A 62 -17.13 33.05 -17.19
C LYS A 62 -17.66 33.32 -15.78
N PRO A 63 -17.45 34.54 -15.28
CA PRO A 63 -17.89 34.96 -13.94
C PRO A 63 -19.33 34.58 -13.62
N ASP A 64 -20.21 34.71 -14.61
CA ASP A 64 -21.62 34.39 -14.42
C ASP A 64 -21.81 32.94 -13.97
N TYR A 65 -20.94 32.06 -14.43
CA TYR A 65 -21.03 30.65 -14.07
C TYR A 65 -20.93 30.49 -12.55
N LEU A 66 -20.03 31.25 -11.92
CA LEU A 66 -19.85 31.15 -10.48
C LEU A 66 -21.09 31.60 -9.71
N ASP A 67 -21.80 32.60 -10.22
CA ASP A 67 -23.01 33.03 -9.53
C ASP A 67 -24.01 31.89 -9.65
N LEU A 68 -23.97 31.19 -10.77
CA LEU A 68 -24.87 30.07 -10.97
C LEU A 68 -24.54 28.99 -9.94
N LEU A 69 -23.26 28.72 -9.74
CA LEU A 69 -22.85 27.71 -8.76
C LEU A 69 -23.23 28.15 -7.35
N ARG A 70 -23.13 29.44 -7.05
CA ARG A 70 -23.49 29.94 -5.73
C ARG A 70 -24.99 29.74 -5.51
N SER A 71 -25.75 30.02 -6.55
CA SER A 71 -27.20 29.87 -6.50
C SER A 71 -27.62 28.42 -6.24
N LEU A 72 -26.99 27.49 -6.96
CA LEU A 72 -27.30 26.07 -6.79
C LEU A 72 -26.82 25.57 -5.43
N ILE A 73 -25.75 26.15 -4.91
CA ILE A 73 -25.27 25.76 -3.58
C ILE A 73 -26.36 26.16 -2.59
N LYS A 74 -26.82 27.40 -2.73
CA LYS A 74 -27.83 27.96 -1.84
C LYS A 74 -29.16 27.20 -1.80
N ARG A 75 -29.54 26.57 -2.90
CA ARG A 75 -30.79 25.82 -2.89
C ARG A 75 -30.57 24.34 -2.57
N GLY A 76 -29.41 24.04 -1.99
CA GLY A 76 -29.08 22.68 -1.59
C GLY A 76 -28.93 21.70 -2.74
N GLN A 77 -28.54 22.17 -3.91
CA GLN A 77 -28.38 21.29 -5.05
C GLN A 77 -26.93 20.87 -5.33
N LEU A 78 -25.99 21.50 -4.64
CA LEU A 78 -24.59 21.18 -4.85
C LEU A 78 -23.74 21.12 -3.60
N GLU A 79 -22.93 20.07 -3.50
CA GLU A 79 -21.99 19.99 -2.41
C GLU A 79 -20.66 20.16 -3.14
N ILE A 80 -19.82 21.08 -2.69
CA ILE A 80 -18.53 21.30 -3.32
C ILE A 80 -17.51 20.35 -2.69
N VAL A 81 -16.80 19.62 -3.55
CA VAL A 81 -15.81 18.66 -3.11
C VAL A 81 -14.44 19.20 -3.50
N VAL A 82 -13.46 19.10 -2.61
CA VAL A 82 -12.14 19.62 -2.92
C VAL A 82 -11.05 18.55 -3.09
N ALA A 83 -9.82 19.02 -3.18
CA ALA A 83 -8.63 18.19 -3.38
C ALA A 83 -7.48 19.19 -3.34
N GLY A 84 -6.32 18.81 -3.87
CA GLY A 84 -5.20 19.73 -3.91
C GLY A 84 -5.49 20.74 -5.02
N PHE A 85 -5.36 22.03 -4.72
CA PHE A 85 -5.64 23.08 -5.71
C PHE A 85 -5.18 22.80 -7.14
N TYR A 86 -3.92 22.41 -7.33
CA TYR A 86 -3.41 22.14 -8.68
C TYR A 86 -3.46 20.67 -9.13
N GLU A 87 -4.41 19.92 -8.60
CA GLU A 87 -4.57 18.50 -8.94
C GLU A 87 -3.33 17.63 -8.83
N PRO A 88 -2.61 17.72 -7.70
CA PRO A 88 -1.42 16.87 -7.58
C PRO A 88 -1.88 15.52 -7.04
N VAL A 89 -1.10 14.47 -7.24
CA VAL A 89 -1.45 13.19 -6.64
C VAL A 89 -0.92 13.39 -5.23
N LEU A 90 -1.83 13.52 -4.26
CA LEU A 90 -1.42 13.74 -2.88
C LEU A 90 -0.27 12.84 -2.37
N ALA A 91 -0.36 11.54 -2.62
CA ALA A 91 0.69 10.62 -2.17
C ALA A 91 2.08 10.90 -2.76
N ALA A 92 2.14 11.66 -3.84
CA ALA A 92 3.42 11.93 -4.48
C ALA A 92 4.05 13.29 -4.16
N ILE A 93 3.50 14.02 -3.21
CA ILE A 93 4.05 15.32 -2.86
C ILE A 93 4.26 15.40 -1.37
N PRO A 94 5.24 16.22 -0.93
CA PRO A 94 5.54 16.40 0.49
C PRO A 94 4.29 16.65 1.31
N LYS A 95 4.22 16.07 2.49
CA LYS A 95 3.06 16.23 3.37
C LYS A 95 2.73 17.71 3.62
N GLU A 96 3.76 18.54 3.79
CA GLU A 96 3.54 19.96 4.03
C GLU A 96 2.83 20.62 2.84
N ASP A 97 3.16 20.17 1.62
CA ASP A 97 2.53 20.72 0.43
C ASP A 97 1.07 20.27 0.32
N ARG A 98 0.78 19.09 0.85
CA ARG A 98 -0.58 18.57 0.81
C ARG A 98 -1.53 19.52 1.52
N LEU A 99 -1.10 19.98 2.69
CA LEU A 99 -1.91 20.90 3.50
C LEU A 99 -2.21 22.20 2.76
N VAL A 100 -1.16 22.88 2.30
CA VAL A 100 -1.32 24.14 1.59
C VAL A 100 -2.18 23.96 0.34
N GLN A 101 -1.92 22.89 -0.42
CA GLN A 101 -2.68 22.61 -1.64
C GLN A 101 -4.18 22.46 -1.36
N ILE A 102 -4.52 21.66 -0.36
CA ILE A 102 -5.92 21.44 -0.02
C ILE A 102 -6.57 22.70 0.53
N GLU A 103 -5.88 23.40 1.42
CA GLU A 103 -6.42 24.61 2.03
C GLU A 103 -6.70 25.70 0.99
N MET A 104 -5.92 25.73 -0.08
CA MET A 104 -6.13 26.73 -1.13
C MET A 104 -7.48 26.50 -1.82
N LEU A 105 -7.83 25.24 -2.03
CA LEU A 105 -9.08 24.91 -2.68
C LEU A 105 -10.25 25.02 -1.71
N LYS A 106 -9.98 24.82 -0.42
CA LYS A 106 -11.05 24.95 0.58
C LYS A 106 -11.40 26.42 0.68
N ASP A 107 -10.39 27.26 0.45
CA ASP A 107 -10.62 28.68 0.52
C ASP A 107 -11.51 29.08 -0.66
N TYR A 108 -11.26 28.47 -1.81
CA TYR A 108 -12.07 28.79 -2.96
C TYR A 108 -13.51 28.31 -2.81
N ALA A 109 -13.68 27.09 -2.29
CA ALA A 109 -15.02 26.53 -2.10
C ALA A 109 -15.78 27.42 -1.15
N ARG A 110 -15.04 27.95 -0.18
CA ARG A 110 -15.61 28.83 0.81
C ARG A 110 -16.18 30.08 0.12
N LYS A 111 -15.47 30.56 -0.89
CA LYS A 111 -15.90 31.74 -1.64
C LYS A 111 -17.15 31.46 -2.48
N LEU A 112 -17.47 30.19 -2.66
CA LEU A 112 -18.67 29.83 -3.43
C LEU A 112 -19.83 29.66 -2.45
N GLY A 113 -19.53 29.73 -1.16
CA GLY A 113 -20.54 29.59 -0.15
C GLY A 113 -20.70 28.19 0.41
N TYR A 114 -19.64 27.39 0.39
CA TYR A 114 -19.72 26.03 0.92
C TYR A 114 -18.49 25.66 1.76
N ASP A 115 -18.73 25.00 2.90
CA ASP A 115 -17.65 24.54 3.77
C ASP A 115 -17.29 23.10 3.40
N ALA A 116 -16.33 22.93 2.51
CA ALA A 116 -15.94 21.59 2.05
C ALA A 116 -15.47 20.65 3.15
N LYS A 117 -16.01 19.43 3.13
CA LYS A 117 -15.66 18.42 4.11
C LYS A 117 -15.14 17.18 3.41
N GLY A 118 -15.27 17.15 2.09
CA GLY A 118 -14.82 15.99 1.33
C GLY A 118 -13.73 16.23 0.31
N VAL A 119 -12.99 15.17 0.03
CA VAL A 119 -11.92 15.24 -0.94
C VAL A 119 -12.07 14.23 -2.06
N TRP A 120 -11.92 14.71 -3.29
CA TRP A 120 -11.94 13.80 -4.43
C TRP A 120 -10.46 13.43 -4.53
N LEU A 121 -10.14 12.16 -4.38
CA LEU A 121 -8.74 11.71 -4.45
C LEU A 121 -8.26 11.72 -5.89
N THR A 122 -7.30 12.61 -6.17
CA THR A 122 -6.77 12.72 -7.53
C THR A 122 -6.20 11.39 -8.01
N GLU A 123 -6.81 10.89 -9.09
CA GLU A 123 -6.46 9.63 -9.71
C GLU A 123 -6.63 8.49 -8.71
N ARG A 124 -7.40 8.77 -7.67
CA ARG A 124 -7.68 7.81 -6.60
C ARG A 124 -6.45 7.05 -6.08
N VAL A 125 -5.32 7.73 -6.01
CA VAL A 125 -4.12 7.05 -5.52
C VAL A 125 -4.11 7.06 -4.00
N TRP A 126 -4.40 5.91 -3.41
CA TRP A 126 -4.44 5.82 -1.96
C TRP A 126 -3.19 5.27 -1.31
N GLN A 127 -2.86 5.88 -0.17
CA GLN A 127 -1.75 5.45 0.65
C GLN A 127 -2.28 5.67 2.07
N PRO A 128 -2.05 4.72 2.97
CA PRO A 128 -2.52 4.83 4.36
C PRO A 128 -2.28 6.17 5.06
N GLU A 129 -1.07 6.71 4.93
CA GLU A 129 -0.74 7.96 5.61
C GLU A 129 -1.50 9.18 5.13
N LEU A 130 -2.29 9.05 4.06
CA LEU A 130 -3.04 10.20 3.60
C LEU A 130 -4.12 10.55 4.63
N VAL A 131 -4.39 9.64 5.56
CA VAL A 131 -5.41 9.91 6.56
C VAL A 131 -5.02 11.08 7.45
N LYS A 132 -3.75 11.10 7.84
CA LYS A 132 -3.21 12.17 8.69
C LYS A 132 -3.36 13.51 7.98
N SER A 133 -2.81 13.57 6.77
CA SER A 133 -2.85 14.78 5.96
C SER A 133 -4.25 15.35 5.75
N LEU A 134 -5.17 14.51 5.30
CA LEU A 134 -6.55 14.92 5.06
C LEU A 134 -7.22 15.45 6.32
N ARG A 135 -6.93 14.77 7.43
CA ARG A 135 -7.47 15.14 8.71
C ARG A 135 -6.96 16.50 9.18
N GLU A 136 -5.67 16.76 8.94
CA GLU A 136 -5.09 18.05 9.33
C GLU A 136 -5.69 19.17 8.49
N ALA A 137 -6.18 18.82 7.29
CA ALA A 137 -6.79 19.83 6.41
C ALA A 137 -8.25 20.05 6.78
N GLY A 138 -8.75 19.26 7.73
CA GLY A 138 -10.14 19.41 8.13
C GLY A 138 -11.10 18.65 7.24
N ILE A 139 -10.60 17.64 6.53
CA ILE A 139 -11.44 16.84 5.65
C ILE A 139 -12.00 15.64 6.43
N GLU A 140 -13.31 15.41 6.32
CA GLU A 140 -13.96 14.32 7.01
C GLU A 140 -14.15 13.05 6.17
N TYR A 141 -14.13 13.19 4.84
CA TYR A 141 -14.29 12.01 3.99
C TYR A 141 -13.55 12.16 2.66
N VAL A 142 -13.17 11.02 2.10
CA VAL A 142 -12.47 11.00 0.84
C VAL A 142 -13.19 10.00 -0.06
N VAL A 143 -13.19 10.26 -1.37
CA VAL A 143 -13.86 9.38 -2.30
C VAL A 143 -12.83 8.49 -2.98
N VAL A 144 -13.14 7.19 -3.00
CA VAL A 144 -12.26 6.21 -3.59
C VAL A 144 -13.11 5.21 -4.41
N ASP A 145 -12.50 4.16 -4.96
CA ASP A 145 -13.24 3.18 -5.75
C ASP A 145 -13.56 1.92 -4.97
N ASP A 146 -14.56 1.18 -5.45
CA ASP A 146 -14.91 -0.06 -4.79
C ASP A 146 -13.71 -1.01 -4.92
N TYR A 147 -12.94 -0.85 -5.99
CA TYR A 147 -11.76 -1.68 -6.22
C TYR A 147 -10.77 -1.64 -5.07
N HIS A 148 -10.64 -0.49 -4.40
CA HIS A 148 -9.72 -0.37 -3.28
C HIS A 148 -10.14 -1.32 -2.17
N PHE A 149 -11.44 -1.39 -1.95
CA PHE A 149 -11.98 -2.26 -0.90
C PHE A 149 -11.83 -3.72 -1.27
N MET A 150 -11.98 -4.03 -2.55
CA MET A 150 -11.84 -5.40 -3.03
C MET A 150 -10.38 -5.84 -2.87
N SER A 151 -9.46 -4.91 -3.06
CA SER A 151 -8.04 -5.22 -2.93
C SER A 151 -7.68 -5.46 -1.47
N ALA A 152 -8.45 -4.88 -0.56
CA ALA A 152 -8.23 -5.05 0.87
C ALA A 152 -8.72 -6.43 1.29
N GLY A 153 -9.73 -6.91 0.57
CA GLY A 153 -10.29 -8.22 0.85
C GLY A 153 -11.81 -8.29 0.89
N LEU A 154 -12.50 -7.17 0.79
CA LEU A 154 -13.96 -7.18 0.84
C LEU A 154 -14.63 -7.54 -0.48
N SER A 155 -15.84 -8.09 -0.39
CA SER A 155 -16.59 -8.47 -1.58
C SER A 155 -17.49 -7.30 -1.97
N LYS A 156 -17.88 -7.24 -3.24
CA LYS A 156 -18.72 -6.16 -3.73
C LYS A 156 -20.00 -5.96 -2.93
N GLU A 157 -20.59 -7.05 -2.44
CA GLU A 157 -21.82 -6.96 -1.68
C GLU A 157 -21.75 -6.20 -0.36
N GLU A 158 -20.55 -5.98 0.16
CA GLU A 158 -20.44 -5.24 1.41
C GLU A 158 -19.88 -3.83 1.16
N LEU A 159 -19.94 -3.41 -0.10
CA LEU A 159 -19.43 -2.09 -0.49
C LEU A 159 -20.52 -1.07 -0.81
N PHE A 160 -21.71 -1.25 -0.26
CA PHE A 160 -22.78 -0.30 -0.47
C PHE A 160 -23.01 0.57 0.78
N TRP A 161 -21.89 0.87 1.44
CA TRP A 161 -21.87 1.72 2.64
C TRP A 161 -20.47 2.27 2.70
N PRO A 162 -20.32 3.48 3.26
CA PRO A 162 -18.96 4.05 3.37
C PRO A 162 -18.35 3.34 4.58
N TYR A 163 -17.03 3.42 4.73
CA TYR A 163 -16.36 2.80 5.87
C TYR A 163 -15.37 3.75 6.50
N TYR A 164 -14.90 3.41 7.70
CA TYR A 164 -13.88 4.20 8.36
C TYR A 164 -12.57 3.53 8.00
N THR A 165 -11.48 4.27 8.12
CA THR A 165 -10.16 3.72 7.88
C THR A 165 -9.28 4.53 8.82
N GLU A 166 -8.26 3.91 9.41
CA GLU A 166 -7.43 4.64 10.34
C GLU A 166 -5.95 4.52 10.15
N ASP A 167 -5.25 5.49 10.73
CA ASP A 167 -3.80 5.57 10.67
C ASP A 167 -3.35 6.66 11.63
N GLY A 168 -2.31 6.35 12.41
CA GLY A 168 -1.81 7.33 13.36
C GLY A 168 -2.85 7.61 14.43
N GLY A 169 -3.79 6.68 14.60
CA GLY A 169 -4.83 6.86 15.59
C GLY A 169 -5.95 7.77 15.10
N GLU A 170 -5.78 8.31 13.90
CA GLU A 170 -6.79 9.18 13.31
C GLU A 170 -7.60 8.43 12.27
N VAL A 171 -8.89 8.75 12.20
CA VAL A 171 -9.77 8.09 11.27
C VAL A 171 -10.44 9.05 10.30
N ILE A 172 -10.83 8.52 9.16
CA ILE A 172 -11.53 9.32 8.15
C ILE A 172 -12.50 8.38 7.46
N THR A 173 -13.61 8.93 6.97
CA THR A 173 -14.62 8.11 6.29
C THR A 173 -14.24 7.95 4.82
N VAL A 174 -14.60 6.80 4.24
CA VAL A 174 -14.28 6.49 2.84
C VAL A 174 -15.48 5.94 2.07
N PHE A 175 -15.83 6.59 0.96
CA PHE A 175 -16.92 6.16 0.09
C PHE A 175 -16.38 5.47 -1.15
N PRO A 176 -16.94 4.31 -1.50
CA PRO A 176 -16.46 3.59 -2.69
C PRO A 176 -17.30 3.92 -3.92
N ILE A 177 -16.65 4.23 -5.04
CA ILE A 177 -17.40 4.51 -6.26
C ILE A 177 -17.76 3.16 -6.87
N ASP A 178 -19.03 2.98 -7.18
CA ASP A 178 -19.52 1.74 -7.76
C ASP A 178 -19.08 1.66 -9.23
N GLU A 179 -18.20 0.72 -9.54
CA GLU A 179 -17.73 0.58 -10.93
C GLU A 179 -18.88 0.41 -11.93
N LYS A 180 -19.91 -0.33 -11.53
CA LYS A 180 -21.05 -0.54 -12.42
C LYS A 180 -21.66 0.80 -12.82
N LEU A 181 -21.88 1.68 -11.84
CA LEU A 181 -22.45 2.99 -12.13
C LEU A 181 -21.58 3.77 -13.11
N ARG A 182 -20.27 3.61 -13.03
CA ARG A 182 -19.38 4.30 -13.95
C ARG A 182 -19.65 3.76 -15.36
N TYR A 183 -19.96 2.47 -15.46
CA TYR A 183 -20.26 1.86 -16.75
C TYR A 183 -21.59 2.36 -17.30
N LEU A 184 -22.59 2.42 -16.42
CA LEU A 184 -23.95 2.84 -16.82
C LEU A 184 -24.14 4.32 -17.11
N ILE A 185 -23.48 5.17 -16.31
CA ILE A 185 -23.62 6.60 -16.44
C ILE A 185 -22.45 7.29 -17.13
N PRO A 186 -22.72 8.05 -18.21
CA PRO A 186 -24.08 8.24 -18.74
C PRO A 186 -24.24 7.60 -20.13
N PHE A 187 -23.35 6.67 -20.47
CA PHE A 187 -23.37 6.05 -21.79
C PHE A 187 -24.40 4.95 -22.07
N ARG A 188 -24.96 4.33 -21.03
CA ARG A 188 -25.97 3.30 -21.25
C ARG A 188 -27.32 3.98 -21.10
N PRO A 189 -28.38 3.41 -21.70
CA PRO A 189 -29.71 4.02 -21.58
C PRO A 189 -30.15 4.24 -20.13
N VAL A 190 -30.82 5.37 -19.89
CA VAL A 190 -31.29 5.76 -18.57
C VAL A 190 -31.97 4.68 -17.74
N LYS A 191 -32.91 3.97 -18.36
CA LYS A 191 -33.64 2.94 -17.65
C LYS A 191 -32.74 1.82 -17.10
N LYS A 192 -31.52 1.72 -17.63
CA LYS A 192 -30.58 0.70 -17.17
C LYS A 192 -30.06 1.04 -15.76
N THR A 193 -29.90 2.33 -15.49
CA THR A 193 -29.42 2.75 -14.17
C THR A 193 -30.56 2.60 -13.18
N ILE A 194 -31.75 3.04 -13.61
CA ILE A 194 -32.93 2.95 -12.77
C ILE A 194 -33.14 1.49 -12.37
N GLU A 195 -32.93 0.59 -13.33
CA GLU A 195 -33.10 -0.84 -13.07
C GLU A 195 -32.05 -1.36 -12.10
N TYR A 196 -30.80 -0.98 -12.34
CA TYR A 196 -29.70 -1.41 -11.48
C TYR A 196 -29.87 -0.91 -10.05
N LEU A 197 -30.25 0.36 -9.90
CA LEU A 197 -30.44 0.94 -8.57
C LEU A 197 -31.63 0.33 -7.84
N GLU A 198 -32.76 0.17 -8.53
CA GLU A 198 -33.93 -0.41 -7.89
C GLU A 198 -33.64 -1.80 -7.34
N SER A 199 -32.79 -2.55 -8.03
CA SER A 199 -32.44 -3.90 -7.60
C SER A 199 -31.52 -3.93 -6.38
N LEU A 200 -31.03 -2.77 -5.95
CA LEU A 200 -30.14 -2.70 -4.79
C LEU A 200 -30.88 -2.51 -3.47
N THR A 201 -32.13 -2.07 -3.53
CA THR A 201 -32.90 -1.85 -2.31
C THR A 201 -32.85 -3.05 -1.37
N SER A 202 -33.05 -2.80 -0.08
CA SER A 202 -33.03 -3.85 0.91
C SER A 202 -33.71 -3.39 2.19
N ASP A 203 -33.53 -4.16 3.26
CA ASP A 203 -34.11 -3.82 4.54
C ASP A 203 -33.24 -2.85 5.34
N ASP A 204 -32.05 -2.56 4.80
CA ASP A 204 -31.12 -1.63 5.46
C ASP A 204 -31.32 -0.24 4.86
N PRO A 205 -31.89 0.70 5.64
CA PRO A 205 -32.12 2.05 5.14
C PRO A 205 -30.87 2.89 4.86
N SER A 206 -29.72 2.45 5.38
CA SER A 206 -28.48 3.19 5.17
C SER A 206 -27.72 2.80 3.92
N LYS A 207 -28.18 1.74 3.25
CA LYS A 207 -27.51 1.28 2.04
C LYS A 207 -27.41 2.41 1.03
N VAL A 208 -26.29 2.48 0.31
CA VAL A 208 -26.08 3.54 -0.64
C VAL A 208 -25.19 3.13 -1.81
N ALA A 209 -25.49 3.68 -2.99
CA ALA A 209 -24.74 3.40 -4.19
C ALA A 209 -24.14 4.73 -4.64
N VAL A 210 -22.85 4.70 -4.95
CA VAL A 210 -22.16 5.93 -5.34
C VAL A 210 -21.67 6.00 -6.77
N PHE A 211 -22.00 7.10 -7.43
CA PHE A 211 -21.49 7.34 -8.76
C PHE A 211 -20.67 8.62 -8.69
N HIS A 212 -19.42 8.57 -9.14
CA HIS A 212 -18.59 9.77 -9.19
C HIS A 212 -17.60 9.56 -10.32
N ASP A 213 -17.65 10.43 -11.32
CA ASP A 213 -16.75 10.29 -12.46
C ASP A 213 -16.40 11.64 -13.09
N ASP A 214 -15.54 11.58 -14.10
CA ASP A 214 -15.11 12.76 -14.85
C ASP A 214 -16.29 13.51 -15.46
N GLY A 215 -16.33 14.82 -15.23
CA GLY A 215 -17.39 15.63 -15.78
C GLY A 215 -17.21 15.73 -17.29
N GLU A 216 -15.98 15.50 -17.76
CA GLU A 216 -15.70 15.57 -19.18
C GLU A 216 -16.48 14.51 -19.95
N LYS A 217 -16.93 13.48 -19.24
CA LYS A 217 -17.71 12.42 -19.83
C LYS A 217 -19.07 12.93 -20.28
N PHE A 218 -19.49 14.03 -19.68
CA PHE A 218 -20.79 14.59 -20.02
C PHE A 218 -20.67 15.72 -21.05
N GLY A 219 -20.09 15.41 -22.21
CA GLY A 219 -19.99 16.40 -23.26
C GLY A 219 -18.70 16.57 -24.05
N VAL A 220 -17.55 16.42 -23.40
CA VAL A 220 -16.26 16.61 -24.06
C VAL A 220 -15.77 15.43 -24.89
N TRP A 221 -15.67 14.25 -24.27
CA TRP A 221 -15.22 13.07 -25.00
C TRP A 221 -16.02 12.97 -26.30
N PRO A 222 -15.36 12.54 -27.38
CA PRO A 222 -16.01 12.40 -28.69
C PRO A 222 -17.36 11.67 -28.72
N GLY A 223 -18.36 12.32 -29.30
CA GLY A 223 -19.69 11.74 -29.41
C GLY A 223 -20.57 11.91 -28.18
N THR A 224 -20.00 12.34 -27.06
CA THR A 224 -20.78 12.48 -25.83
C THR A 224 -21.72 13.68 -25.77
N TYR A 225 -21.35 14.80 -26.39
CA TYR A 225 -22.23 15.95 -26.39
C TYR A 225 -23.57 15.62 -27.07
N GLU A 226 -23.50 14.96 -28.21
CA GLU A 226 -24.72 14.59 -28.94
C GLU A 226 -25.56 13.65 -28.10
N TRP A 227 -24.89 12.65 -27.53
CA TRP A 227 -25.54 11.65 -26.69
C TRP A 227 -26.15 12.21 -25.41
N VAL A 228 -25.37 13.01 -24.69
CA VAL A 228 -25.82 13.58 -23.42
C VAL A 228 -26.78 14.76 -23.52
N TYR A 229 -26.58 15.64 -24.50
CA TYR A 229 -27.44 16.81 -24.62
C TYR A 229 -28.42 16.82 -25.81
N GLU A 230 -27.91 16.61 -27.01
CA GLU A 230 -28.76 16.65 -28.19
C GLU A 230 -29.81 15.56 -28.14
N LYS A 231 -29.41 14.37 -27.71
CA LYS A 231 -30.34 13.24 -27.62
C LYS A 231 -30.96 13.16 -26.21
N GLY A 232 -30.67 14.18 -25.41
CA GLY A 232 -31.24 14.31 -24.07
C GLY A 232 -31.05 13.31 -22.94
N TRP A 233 -29.92 12.62 -22.88
CA TRP A 233 -29.72 11.65 -21.80
C TRP A 233 -29.80 12.28 -20.40
N LEU A 234 -29.12 13.42 -20.23
CA LEU A 234 -29.06 14.10 -18.93
C LEU A 234 -30.41 14.59 -18.40
N ARG A 235 -31.23 15.21 -19.25
CA ARG A 235 -32.53 15.68 -18.80
C ARG A 235 -33.46 14.51 -18.47
N GLU A 236 -33.34 13.43 -19.26
CA GLU A 236 -34.15 12.25 -19.05
C GLU A 236 -33.72 11.56 -17.75
N PHE A 237 -32.44 11.63 -17.43
CA PHE A 237 -31.93 11.02 -16.21
C PHE A 237 -32.32 11.81 -14.97
N PHE A 238 -32.15 13.13 -15.03
CA PHE A 238 -32.48 13.99 -13.91
C PHE A 238 -33.96 13.88 -13.58
N ASP A 239 -34.78 13.69 -14.60
CA ASP A 239 -36.21 13.58 -14.41
C ASP A 239 -36.55 12.25 -13.76
N ALA A 240 -35.97 11.17 -14.27
CA ALA A 240 -36.24 9.83 -13.74
C ALA A 240 -35.70 9.66 -12.32
N ILE A 241 -34.43 10.04 -12.13
CA ILE A 241 -33.77 9.89 -10.85
C ILE A 241 -34.40 10.68 -9.70
N THR A 242 -35.08 11.78 -10.02
CA THR A 242 -35.72 12.56 -8.96
C THR A 242 -37.18 12.18 -8.71
N SER A 243 -37.73 11.30 -9.55
CA SER A 243 -39.13 10.86 -9.41
C SER A 243 -39.25 9.50 -8.74
N ASN A 244 -38.34 8.59 -9.07
CA ASN A 244 -38.36 7.25 -8.53
C ASN A 244 -38.49 7.22 -7.01
N GLU A 245 -39.51 6.51 -6.51
CA GLU A 245 -39.74 6.43 -5.08
C GLU A 245 -38.87 5.44 -4.33
N LYS A 246 -38.11 4.61 -5.04
CA LYS A 246 -37.24 3.65 -4.38
C LYS A 246 -35.80 4.19 -4.29
N ILE A 247 -35.53 5.30 -4.97
CA ILE A 247 -34.21 5.91 -5.00
C ILE A 247 -34.12 7.25 -4.27
N ASN A 248 -33.32 7.31 -3.22
CA ASN A 248 -33.18 8.54 -2.46
C ASN A 248 -31.87 9.26 -2.73
N LEU A 249 -31.99 10.41 -3.40
CA LEU A 249 -30.85 11.25 -3.75
C LEU A 249 -30.31 12.03 -2.55
N MET A 250 -28.98 12.07 -2.44
CA MET A 250 -28.38 12.85 -1.38
C MET A 250 -26.90 13.13 -1.62
N THR A 251 -26.36 14.13 -0.92
CA THR A 251 -24.94 14.47 -1.06
C THR A 251 -24.16 13.67 -0.02
N TYR A 252 -22.84 13.59 -0.17
CA TYR A 252 -22.03 12.85 0.79
C TYR A 252 -22.26 13.37 2.21
N SER A 253 -22.16 14.68 2.40
CA SER A 253 -22.35 15.30 3.71
C SER A 253 -23.72 15.03 4.28
N GLU A 254 -24.73 15.01 3.42
CA GLU A 254 -26.08 14.70 3.87
C GLU A 254 -26.11 13.26 4.39
N TYR A 255 -25.54 12.33 3.63
CA TYR A 255 -25.52 10.93 4.04
C TYR A 255 -24.87 10.76 5.41
N LEU A 256 -23.74 11.43 5.60
CA LEU A 256 -23.04 11.33 6.87
C LEU A 256 -23.77 11.99 8.02
N SER A 257 -24.69 12.90 7.72
CA SER A 257 -25.44 13.57 8.77
C SER A 257 -26.61 12.70 9.24
N LYS A 258 -26.84 11.59 8.54
CA LYS A 258 -27.96 10.71 8.88
C LYS A 258 -27.57 9.27 9.18
N PHE A 259 -26.47 8.80 8.59
CA PHE A 259 -26.01 7.44 8.81
C PHE A 259 -24.52 7.41 9.16
N THR A 260 -24.13 6.48 10.02
CA THR A 260 -22.73 6.37 10.39
C THR A 260 -22.12 5.25 9.56
N PRO A 261 -20.84 5.37 9.18
CA PRO A 261 -20.16 4.35 8.38
C PRO A 261 -20.38 2.95 8.95
N ARG A 262 -20.38 1.94 8.08
CA ARG A 262 -20.61 0.55 8.48
C ARG A 262 -19.59 -0.06 9.45
N GLY A 263 -18.33 0.33 9.31
CA GLY A 263 -17.30 -0.22 10.18
C GLY A 263 -15.91 0.23 9.80
N LEU A 264 -14.91 -0.49 10.30
CA LEU A 264 -13.52 -0.17 10.04
C LEU A 264 -12.90 -1.09 8.99
N VAL A 265 -12.07 -0.52 8.12
CA VAL A 265 -11.41 -1.28 7.07
C VAL A 265 -10.04 -0.67 6.76
N TYR A 266 -9.12 -1.48 6.26
CA TYR A 266 -7.79 -0.95 5.92
C TYR A 266 -7.57 -1.13 4.44
N LEU A 267 -7.05 -0.11 3.77
CA LEU A 267 -6.85 -0.20 2.33
C LEU A 267 -5.40 -0.27 1.92
N PRO A 268 -5.11 -0.98 0.82
CA PRO A 268 -3.75 -1.12 0.32
C PRO A 268 -3.47 0.06 -0.61
N ILE A 269 -2.25 0.13 -1.12
CA ILE A 269 -1.91 1.18 -2.06
C ILE A 269 -2.64 0.76 -3.34
N ALA A 270 -3.56 1.59 -3.79
CA ALA A 270 -4.32 1.26 -5.00
C ALA A 270 -4.90 2.49 -5.66
N SER A 271 -5.55 2.26 -6.79
CA SER A 271 -6.16 3.31 -7.57
C SER A 271 -7.38 2.62 -8.18
N TYR A 272 -8.07 3.28 -9.10
CA TYR A 272 -9.22 2.64 -9.73
C TYR A 272 -8.60 1.53 -10.57
N PHE A 273 -9.39 0.51 -10.90
CA PHE A 273 -8.91 -0.65 -11.65
C PHE A 273 -8.07 -0.39 -12.91
N GLU A 274 -8.56 0.47 -13.79
CA GLU A 274 -7.86 0.77 -15.04
C GLU A 274 -6.39 1.12 -14.83
N MET A 275 -6.08 1.81 -13.74
CA MET A 275 -4.71 2.21 -13.45
C MET A 275 -3.76 1.03 -13.26
N SER A 276 -4.31 -0.12 -12.84
CA SER A 276 -3.50 -1.31 -12.63
C SER A 276 -2.79 -1.72 -13.90
N GLU A 277 -3.42 -1.41 -15.03
CA GLU A 277 -2.86 -1.74 -16.33
C GLU A 277 -1.72 -0.81 -16.71
N TRP A 278 -2.03 0.49 -16.75
CA TRP A 278 -1.06 1.51 -17.16
C TRP A 278 0.18 1.65 -16.28
N SER A 279 0.01 1.57 -14.96
CA SER A 279 1.13 1.73 -14.04
C SER A 279 2.16 0.62 -14.09
N LEU A 280 1.98 -0.34 -14.99
CA LEU A 280 2.92 -1.46 -15.14
C LEU A 280 3.91 -1.24 -16.27
N PRO A 281 5.14 -1.75 -16.13
CA PRO A 281 6.08 -1.55 -17.23
C PRO A 281 5.49 -2.20 -18.50
N ALA A 282 5.79 -1.63 -19.65
CA ALA A 282 5.26 -2.10 -20.93
C ALA A 282 4.99 -3.60 -21.09
N LYS A 283 6.03 -4.42 -20.95
CA LYS A 283 5.90 -5.87 -21.08
C LYS A 283 4.82 -6.49 -20.20
N GLN A 284 4.82 -6.11 -18.92
CA GLN A 284 3.84 -6.67 -18.00
C GLN A 284 2.42 -6.18 -18.26
N ALA A 285 2.28 -4.94 -18.69
CA ALA A 285 0.96 -4.37 -18.98
C ALA A 285 0.29 -5.18 -20.09
N LYS A 286 1.08 -5.60 -21.06
CA LYS A 286 0.55 -6.39 -22.16
C LYS A 286 -0.01 -7.68 -21.57
N LEU A 287 0.77 -8.32 -20.72
CA LEU A 287 0.35 -9.56 -20.08
C LEU A 287 -0.91 -9.33 -19.29
N PHE A 288 -0.94 -8.23 -18.54
CA PHE A 288 -2.09 -7.88 -17.72
C PHE A 288 -3.35 -7.79 -18.57
N VAL A 289 -3.24 -7.10 -19.71
CA VAL A 289 -4.36 -6.92 -20.63
C VAL A 289 -4.80 -8.28 -21.17
N GLU A 290 -3.83 -9.13 -21.51
CA GLU A 290 -4.14 -10.46 -22.02
C GLU A 290 -4.96 -11.22 -20.96
N PHE A 291 -4.46 -11.22 -19.72
CA PHE A 291 -5.13 -11.89 -18.62
C PHE A 291 -6.56 -11.38 -18.48
N VAL A 292 -6.72 -10.07 -18.43
CA VAL A 292 -8.04 -9.48 -18.29
C VAL A 292 -8.97 -9.83 -19.44
N GLU A 293 -8.48 -9.77 -20.67
CA GLU A 293 -9.30 -10.10 -21.82
C GLU A 293 -9.65 -11.58 -21.86
N GLN A 294 -8.67 -12.43 -21.51
CA GLN A 294 -8.89 -13.87 -21.51
C GLN A 294 -9.79 -14.29 -20.36
N LEU A 295 -10.10 -13.36 -19.45
CA LEU A 295 -10.98 -13.66 -18.33
C LEU A 295 -12.41 -13.36 -18.74
N LYS A 296 -12.57 -12.43 -19.66
CA LYS A 296 -13.89 -12.06 -20.15
C LYS A 296 -14.32 -13.01 -21.26
N GLU A 297 -13.33 -13.54 -21.98
CA GLU A 297 -13.60 -14.47 -23.07
C GLU A 297 -14.08 -15.80 -22.50
N GLU A 298 -13.66 -16.11 -21.27
CA GLU A 298 -14.06 -17.33 -20.59
C GLU A 298 -15.16 -17.00 -19.58
N GLY A 299 -15.81 -15.86 -19.80
CA GLY A 299 -16.88 -15.42 -18.94
C GLY A 299 -16.68 -15.72 -17.46
N LYS A 300 -15.53 -15.35 -16.92
CA LYS A 300 -15.23 -15.58 -15.52
C LYS A 300 -14.54 -14.38 -14.86
N PHE A 301 -14.70 -13.21 -15.48
CA PHE A 301 -14.11 -11.98 -14.96
C PHE A 301 -14.86 -11.49 -13.74
N GLU A 302 -16.19 -11.41 -13.86
CA GLU A 302 -17.03 -10.94 -12.76
C GLU A 302 -16.81 -11.59 -11.41
N LYS A 303 -16.78 -12.92 -11.36
CA LYS A 303 -16.59 -13.61 -10.10
C LYS A 303 -15.13 -13.70 -9.65
N TYR A 304 -14.20 -13.28 -10.51
CA TYR A 304 -12.78 -13.36 -10.16
C TYR A 304 -12.02 -12.04 -10.24
N ARG A 305 -12.71 -10.96 -10.56
CA ARG A 305 -12.06 -9.67 -10.67
C ARG A 305 -11.50 -9.20 -9.34
N VAL A 306 -12.20 -9.51 -8.26
CA VAL A 306 -11.78 -9.12 -6.91
C VAL A 306 -10.37 -9.58 -6.56
N PHE A 307 -9.84 -10.52 -7.34
CA PHE A 307 -8.50 -11.06 -7.10
C PHE A 307 -7.47 -10.63 -8.14
N VAL A 308 -7.88 -9.82 -9.11
CA VAL A 308 -6.93 -9.37 -10.13
C VAL A 308 -6.18 -8.15 -9.66
N ARG A 309 -4.86 -8.16 -9.86
CA ARG A 309 -4.00 -7.05 -9.43
C ARG A 309 -3.02 -6.68 -10.52
N GLY A 310 -2.56 -5.44 -10.46
CA GLY A 310 -1.61 -4.92 -11.43
C GLY A 310 -0.60 -4.02 -10.73
N GLY A 311 -0.18 -2.97 -11.41
CA GLY A 311 0.81 -2.06 -10.83
C GLY A 311 0.21 -1.02 -9.92
N ILE A 312 1.08 -0.15 -9.43
CA ILE A 312 0.67 0.95 -8.57
C ILE A 312 1.19 2.21 -9.25
N TRP A 313 0.47 3.31 -9.05
CA TRP A 313 0.81 4.59 -9.69
C TRP A 313 2.25 5.08 -9.55
N LYS A 314 2.79 5.02 -8.33
CA LYS A 314 4.16 5.51 -8.10
C LYS A 314 5.19 4.91 -9.07
N ASN A 315 4.95 3.70 -9.56
CA ASN A 315 5.91 3.09 -10.47
C ASN A 315 5.99 3.69 -11.87
N PHE A 316 5.26 4.78 -12.10
CA PHE A 316 5.36 5.45 -13.39
C PHE A 316 6.76 6.08 -13.36
N PHE A 317 7.26 6.32 -12.15
CA PHE A 317 8.59 6.89 -11.96
C PHE A 317 9.65 5.86 -12.41
N PHE A 318 9.26 4.58 -12.43
CA PHE A 318 10.17 3.52 -12.87
C PHE A 318 10.03 3.38 -14.39
N LYS A 319 8.80 3.33 -14.86
CA LYS A 319 8.50 3.18 -16.28
C LYS A 319 9.07 4.35 -17.10
N TYR A 320 8.95 5.55 -16.55
CA TYR A 320 9.42 6.74 -17.21
C TYR A 320 10.45 7.51 -16.38
N PRO A 321 11.75 7.26 -16.66
CA PRO A 321 12.87 7.90 -15.96
C PRO A 321 12.75 9.43 -16.01
N GLU A 322 12.29 9.96 -17.13
CA GLU A 322 12.14 11.40 -17.30
C GLU A 322 11.12 11.95 -16.30
N SER A 323 10.08 11.17 -16.01
CA SER A 323 9.08 11.61 -15.06
C SER A 323 9.68 11.57 -13.66
N ASN A 324 10.45 10.52 -13.39
CA ASN A 324 11.09 10.38 -12.09
C ASN A 324 12.06 11.55 -11.84
N PHE A 325 12.88 11.83 -12.84
CA PHE A 325 13.85 12.91 -12.74
C PHE A 325 13.10 14.22 -12.43
N MET A 326 12.07 14.49 -13.22
CA MET A 326 11.24 15.68 -13.06
C MET A 326 10.67 15.74 -11.65
N HIS A 327 10.10 14.63 -11.19
CA HIS A 327 9.50 14.53 -9.86
C HIS A 327 10.51 14.82 -8.74
N LYS A 328 11.65 14.13 -8.75
CA LYS A 328 12.66 14.31 -7.71
C LYS A 328 13.25 15.71 -7.73
N ARG A 329 13.33 16.31 -8.92
CA ARG A 329 13.85 17.67 -9.02
C ARG A 329 12.84 18.58 -8.31
N MET A 330 11.55 18.34 -8.52
CA MET A 330 10.56 19.19 -7.85
C MET A 330 10.56 18.95 -6.33
N LEU A 331 10.78 17.72 -5.89
CA LEU A 331 10.82 17.46 -4.45
C LEU A 331 11.99 18.23 -3.85
N MET A 332 13.08 18.27 -4.61
CA MET A 332 14.29 18.97 -4.20
C MET A 332 13.98 20.46 -4.00
N VAL A 333 13.35 21.08 -4.99
CA VAL A 333 13.02 22.50 -4.94
C VAL A 333 11.94 22.81 -3.91
N SER A 334 10.94 21.94 -3.80
CA SER A 334 9.87 22.18 -2.84
C SER A 334 10.43 22.38 -1.45
N LYS A 335 11.36 21.51 -1.06
CA LYS A 335 11.98 21.59 0.26
C LYS A 335 12.78 22.88 0.47
N ALA A 336 13.63 23.20 -0.50
CA ALA A 336 14.48 24.39 -0.43
C ALA A 336 13.71 25.70 -0.52
N VAL A 337 12.47 25.62 -1.00
CA VAL A 337 11.64 26.80 -1.21
C VAL A 337 10.44 26.88 -0.25
N ARG A 338 10.31 25.87 0.61
CA ARG A 338 9.20 25.78 1.56
C ARG A 338 8.87 27.03 2.38
N ASP A 339 9.86 27.87 2.65
CA ASP A 339 9.60 29.06 3.45
C ASP A 339 9.37 30.35 2.66
N ASN A 340 9.43 30.27 1.33
CA ASN A 340 9.19 31.44 0.49
C ASN A 340 7.83 31.28 -0.23
N PRO A 341 6.78 31.91 0.30
CA PRO A 341 5.42 31.84 -0.27
C PRO A 341 5.33 32.09 -1.77
N GLU A 342 6.02 33.11 -2.26
CA GLU A 342 6.00 33.43 -3.67
C GLU A 342 6.64 32.32 -4.51
N ALA A 343 7.83 31.88 -4.10
CA ALA A 343 8.55 30.84 -4.83
C ALA A 343 7.76 29.53 -4.76
N ARG A 344 7.30 29.20 -3.56
CA ARG A 344 6.54 27.98 -3.31
C ARG A 344 5.29 27.82 -4.19
N LYS A 345 4.60 28.90 -4.49
CA LYS A 345 3.40 28.81 -5.33
C LYS A 345 3.75 28.16 -6.66
N TYR A 346 4.95 28.45 -7.17
CA TYR A 346 5.39 27.86 -8.44
C TYR A 346 5.60 26.36 -8.31
N ILE A 347 6.15 25.93 -7.17
CA ILE A 347 6.41 24.50 -7.01
C ILE A 347 5.11 23.73 -6.79
N LEU A 348 4.11 24.40 -6.21
CA LEU A 348 2.82 23.75 -6.01
C LEU A 348 2.19 23.54 -7.39
N LYS A 349 2.33 24.53 -8.26
CA LYS A 349 1.80 24.45 -9.63
C LYS A 349 2.49 23.31 -10.37
N ALA A 350 3.78 23.14 -10.12
CA ALA A 350 4.55 22.08 -10.78
C ALA A 350 4.09 20.67 -10.41
N GLN A 351 3.32 20.55 -9.33
CA GLN A 351 2.86 19.25 -8.88
C GLN A 351 1.60 18.75 -9.59
N CYS A 352 1.16 19.49 -10.60
CA CYS A 352 -0.02 19.06 -11.37
C CYS A 352 0.37 17.69 -11.92
N ASN A 353 -0.43 16.68 -11.58
CA ASN A 353 -0.18 15.27 -11.92
C ASN A 353 -0.12 14.79 -13.36
N ASP A 354 -0.96 15.32 -14.22
CA ASP A 354 -1.06 14.90 -15.61
C ASP A 354 0.21 14.59 -16.40
N ALA A 355 1.22 15.45 -16.30
CA ALA A 355 2.46 15.25 -17.05
C ALA A 355 3.41 14.21 -16.50
N TYR A 356 3.11 13.67 -15.32
CA TYR A 356 3.96 12.68 -14.69
C TYR A 356 3.68 11.22 -15.06
N TRP A 357 2.60 10.98 -15.79
CA TRP A 357 2.27 9.60 -16.13
C TRP A 357 1.51 9.52 -17.44
N HIS A 358 1.19 8.29 -17.83
CA HIS A 358 0.46 8.08 -19.05
C HIS A 358 -0.42 6.82 -18.97
N GLY A 359 -1.72 7.04 -19.10
CA GLY A 359 -2.67 5.95 -19.09
C GLY A 359 -3.29 5.94 -20.46
N VAL A 360 -4.40 6.68 -20.61
CA VAL A 360 -5.08 6.79 -21.89
C VAL A 360 -4.87 8.20 -22.44
N PHE A 361 -5.02 9.20 -21.57
CA PHE A 361 -4.80 10.59 -22.01
C PHE A 361 -3.29 10.77 -22.19
N GLY A 362 -2.89 11.59 -23.17
CA GLY A 362 -1.48 11.81 -23.44
C GLY A 362 -0.59 12.00 -22.22
N GLY A 363 -1.02 12.88 -21.31
CA GLY A 363 -0.24 13.12 -20.11
C GLY A 363 1.21 13.52 -20.38
N ILE A 364 2.14 12.73 -19.85
CA ILE A 364 3.57 12.99 -20.01
C ILE A 364 3.98 13.11 -21.48
N TYR A 365 3.22 12.48 -22.36
CA TYR A 365 3.52 12.51 -23.78
C TYR A 365 3.22 13.84 -24.46
N LEU A 366 2.50 14.71 -23.77
CA LEU A 366 2.16 16.02 -24.31
C LEU A 366 3.25 16.99 -23.89
N PRO A 367 4.04 17.48 -24.85
CA PRO A 367 5.10 18.43 -24.53
C PRO A 367 4.64 19.66 -23.76
N HIS A 368 3.49 20.23 -24.13
CA HIS A 368 3.02 21.42 -23.44
C HIS A 368 2.68 21.22 -21.96
N LEU A 369 2.34 20.00 -21.57
CA LEU A 369 2.04 19.75 -20.16
C LEU A 369 3.36 19.59 -19.42
N ARG A 370 4.34 18.98 -20.08
CA ARG A 370 5.66 18.76 -19.50
C ARG A 370 6.43 20.06 -19.28
N ARG A 371 6.45 20.93 -20.29
CA ARG A 371 7.20 22.17 -20.17
C ARG A 371 6.58 23.04 -19.10
N THR A 372 5.29 22.83 -18.82
CA THR A 372 4.62 23.62 -17.82
C THR A 372 5.17 23.23 -16.45
N VAL A 373 5.32 21.93 -16.23
CA VAL A 373 5.89 21.44 -14.97
C VAL A 373 7.32 21.99 -14.81
N TRP A 374 8.14 21.86 -15.86
CA TRP A 374 9.52 22.34 -15.79
C TRP A 374 9.55 23.84 -15.60
N GLU A 375 8.69 24.52 -16.32
CA GLU A 375 8.58 25.95 -16.23
C GLU A 375 8.44 26.34 -14.75
N ASN A 376 7.55 25.64 -14.04
CA ASN A 376 7.30 25.97 -12.64
C ASN A 376 8.39 25.54 -11.68
N ILE A 377 9.11 24.47 -12.03
CA ILE A 377 10.19 24.02 -11.18
C ILE A 377 11.30 25.05 -11.29
N ILE A 378 11.56 25.50 -12.51
CA ILE A 378 12.61 26.47 -12.76
C ILE A 378 12.32 27.82 -12.09
N LYS A 379 11.10 28.32 -12.24
CA LYS A 379 10.76 29.59 -11.62
C LYS A 379 10.86 29.51 -10.10
N ALA A 380 10.53 28.37 -9.52
CA ALA A 380 10.63 28.27 -8.07
C ALA A 380 12.10 28.25 -7.66
N GLN A 381 12.93 27.54 -8.41
CA GLN A 381 14.35 27.45 -8.08
C GLN A 381 15.11 28.76 -8.32
N ARG A 382 14.66 29.54 -9.30
CA ARG A 382 15.34 30.79 -9.62
C ARG A 382 15.51 31.68 -8.40
N TYR A 383 14.66 31.48 -7.39
CA TYR A 383 14.74 32.28 -6.17
C TYR A 383 15.91 31.89 -5.27
N LEU A 384 16.51 30.73 -5.54
CA LEU A 384 17.62 30.26 -4.72
C LEU A 384 18.98 30.67 -5.25
N LYS A 385 19.94 30.76 -4.32
CA LYS A 385 21.29 31.11 -4.70
C LYS A 385 21.83 29.93 -5.50
N PRO A 386 22.48 30.19 -6.64
CA PRO A 386 23.02 29.09 -7.45
C PRO A 386 24.15 28.40 -6.67
N GLU A 387 24.22 27.08 -6.76
CA GLU A 387 25.27 26.35 -6.07
C GLU A 387 25.52 25.01 -6.71
N ASN A 388 26.80 24.70 -6.96
CA ASN A 388 27.14 23.42 -7.55
C ASN A 388 27.08 22.35 -6.48
N LYS A 389 26.60 21.18 -6.85
CA LYS A 389 26.51 20.08 -5.89
C LYS A 389 26.51 18.71 -6.56
N ILE A 390 27.05 17.72 -5.85
CA ILE A 390 27.11 16.34 -6.35
C ILE A 390 26.16 15.53 -5.48
N LEU A 391 25.18 14.89 -6.10
CA LEU A 391 24.23 14.08 -5.35
C LEU A 391 23.38 13.21 -6.25
N ASP A 392 22.83 12.15 -5.67
CA ASP A 392 21.98 11.24 -6.42
C ASP A 392 20.57 11.84 -6.43
N VAL A 393 20.22 12.49 -7.55
CA VAL A 393 18.92 13.13 -7.66
C VAL A 393 17.76 12.16 -7.89
N ASP A 394 17.89 11.27 -8.87
CA ASP A 394 16.83 10.33 -9.20
C ASP A 394 16.94 8.95 -8.54
N PHE A 395 17.76 8.86 -7.50
CA PHE A 395 17.97 7.64 -6.73
C PHE A 395 18.28 6.35 -7.48
N ASP A 396 19.33 6.36 -8.29
CA ASP A 396 19.72 5.15 -9.01
C ASP A 396 21.09 4.67 -8.54
N GLY A 397 21.60 5.30 -7.48
CA GLY A 397 22.89 4.93 -6.92
C GLY A 397 24.11 5.46 -7.64
N ARG A 398 23.94 6.53 -8.42
CA ARG A 398 25.05 7.12 -9.16
C ARG A 398 24.85 8.63 -9.21
N ALA A 399 25.55 9.34 -8.33
CA ALA A 399 25.45 10.80 -8.23
C ALA A 399 25.42 11.60 -9.53
N GLU A 400 24.63 12.68 -9.50
CA GLU A 400 24.51 13.60 -10.63
C GLU A 400 25.37 14.81 -10.27
N ILE A 401 25.75 15.58 -11.28
CA ILE A 401 26.52 16.78 -11.02
C ILE A 401 25.68 17.95 -11.49
N MET A 402 25.38 18.87 -10.58
CA MET A 402 24.59 20.04 -10.91
C MET A 402 25.44 21.29 -10.88
N VAL A 403 25.70 21.85 -12.07
CA VAL A 403 26.48 23.07 -12.21
C VAL A 403 25.49 24.17 -12.55
N GLU A 404 25.64 25.33 -11.94
CA GLU A 404 24.73 26.41 -12.22
C GLU A 404 25.28 27.80 -11.98
N ASN A 405 24.83 28.74 -12.81
CA ASN A 405 25.24 30.12 -12.68
C ASN A 405 23.96 30.93 -12.63
N ASP A 406 24.07 32.25 -12.78
CA ASP A 406 22.90 33.09 -12.70
C ASP A 406 21.84 32.86 -13.76
N GLY A 407 22.22 32.23 -14.86
CA GLY A 407 21.25 32.00 -15.92
C GLY A 407 20.90 30.56 -16.25
N PHE A 408 21.72 29.63 -15.82
CA PHE A 408 21.47 28.23 -16.13
C PHE A 408 21.68 27.22 -15.02
N ILE A 409 21.05 26.07 -15.20
CA ILE A 409 21.15 24.94 -14.30
C ILE A 409 21.33 23.74 -15.22
N ALA A 410 22.47 23.08 -15.10
CA ALA A 410 22.76 21.91 -15.91
C ALA A 410 22.96 20.72 -14.99
N THR A 411 22.43 19.58 -15.40
CA THR A 411 22.57 18.37 -14.62
C THR A 411 23.27 17.36 -15.50
N ILE A 412 24.42 16.90 -15.03
CA ILE A 412 25.22 15.95 -15.77
C ILE A 412 25.20 14.57 -15.14
N LYS A 413 25.14 13.55 -15.99
CA LYS A 413 25.15 12.18 -15.52
C LYS A 413 26.42 11.50 -16.01
N PRO A 414 27.45 11.46 -15.14
CA PRO A 414 28.73 10.83 -15.50
C PRO A 414 28.50 9.38 -15.90
N HIS A 415 27.72 8.67 -15.10
CA HIS A 415 27.44 7.26 -15.37
C HIS A 415 26.80 6.98 -16.73
N TYR A 416 26.15 7.98 -17.33
CA TYR A 416 25.55 7.76 -18.64
C TYR A 416 26.13 8.66 -19.73
N GLY A 417 27.28 8.25 -20.24
CA GLY A 417 27.93 8.99 -21.31
C GLY A 417 28.42 10.38 -20.93
N GLY A 418 28.43 10.68 -19.64
CA GLY A 418 28.87 11.99 -19.20
C GLY A 418 28.11 13.10 -19.91
N SER A 419 26.84 12.84 -20.19
CA SER A 419 26.00 13.80 -20.89
C SER A 419 25.25 14.73 -19.94
N ILE A 420 24.69 15.79 -20.51
CA ILE A 420 23.92 16.77 -19.76
C ILE A 420 22.46 16.31 -19.91
N PHE A 421 21.83 15.94 -18.79
CA PHE A 421 20.45 15.48 -18.87
C PHE A 421 19.44 16.59 -18.63
N GLU A 422 19.91 17.72 -18.12
CA GLU A 422 19.06 18.87 -17.88
C GLU A 422 19.82 20.15 -18.15
N LEU A 423 19.26 20.99 -19.01
CA LEU A 423 19.87 22.29 -19.29
C LEU A 423 18.71 23.26 -19.15
N SER A 424 18.55 23.79 -17.95
CA SER A 424 17.45 24.71 -17.68
C SER A 424 17.81 26.19 -17.73
N SER A 425 17.09 26.91 -18.59
CA SER A 425 17.28 28.34 -18.72
C SER A 425 16.43 29.08 -17.70
N LYS A 426 17.07 29.89 -16.86
CA LYS A 426 16.33 30.64 -15.86
C LYS A 426 15.60 31.82 -16.50
N ARG A 427 16.04 32.22 -17.70
CA ARG A 427 15.41 33.34 -18.39
C ARG A 427 14.14 32.94 -19.14
N LYS A 428 14.18 31.80 -19.82
CA LYS A 428 13.02 31.33 -20.57
C LYS A 428 12.20 30.36 -19.74
N ALA A 429 12.78 29.90 -18.64
CA ALA A 429 12.11 28.93 -17.79
C ALA A 429 11.76 27.65 -18.58
N VAL A 430 12.72 27.21 -19.41
CA VAL A 430 12.53 25.98 -20.17
C VAL A 430 13.72 25.05 -19.94
N ASN A 431 13.50 23.77 -20.10
CA ASN A 431 14.55 22.78 -19.97
C ASN A 431 14.81 22.37 -21.41
N TYR A 432 15.99 22.70 -21.93
CA TYR A 432 16.33 22.37 -23.31
C TYR A 432 16.29 20.87 -23.62
N ASN A 433 16.41 20.03 -22.60
CA ASN A 433 16.36 18.59 -22.80
C ASN A 433 15.03 17.98 -22.38
N ASP A 434 13.97 18.79 -22.36
CA ASP A 434 12.65 18.32 -21.99
C ASP A 434 12.12 17.44 -23.13
N VAL A 435 12.82 16.33 -23.38
CA VAL A 435 12.49 15.39 -24.43
C VAL A 435 12.17 14.02 -23.85
N LEU A 436 11.66 13.13 -24.70
CA LEU A 436 11.33 11.76 -24.32
C LEU A 436 11.89 10.84 -25.39
N PRO A 437 12.50 9.72 -24.99
CA PRO A 437 13.04 8.76 -25.98
C PRO A 437 11.87 8.00 -26.55
N ARG A 438 12.06 7.35 -27.69
CA ARG A 438 10.99 6.59 -28.30
C ARG A 438 10.93 5.16 -27.72
N ARG A 439 9.82 4.84 -27.06
CA ARG A 439 9.64 3.54 -26.44
C ARG A 439 8.38 2.82 -26.90
N TRP A 440 8.40 1.50 -26.77
CA TRP A 440 7.28 0.68 -27.14
C TRP A 440 6.29 0.73 -25.99
N GLU A 441 5.00 0.81 -26.30
CA GLU A 441 3.95 0.83 -25.28
C GLU A 441 3.16 -0.46 -25.50
N HIS A 442 2.68 -1.07 -24.43
CA HIS A 442 1.96 -2.33 -24.56
C HIS A 442 0.80 -2.29 -25.56
N TYR A 443 0.28 -1.10 -25.87
CA TYR A 443 -0.83 -1.01 -26.82
C TYR A 443 -0.40 -0.84 -28.27
N HIS A 444 0.91 -0.94 -28.52
CA HIS A 444 1.41 -0.83 -29.89
C HIS A 444 1.28 -2.24 -30.45
N GLU A 445 0.89 -2.34 -31.72
CA GLU A 445 0.70 -3.64 -32.37
C GLU A 445 -0.54 -4.35 -31.81
N GLN A 469 -5.83 -0.05 -35.65
CA GLN A 469 -4.48 -0.52 -35.90
C GLN A 469 -3.62 0.57 -36.54
N ILE A 470 -2.36 0.65 -36.12
CA ILE A 470 -1.41 1.64 -36.62
C ILE A 470 -1.38 1.70 -38.15
N PRO A 471 -1.65 2.88 -38.73
CA PRO A 471 -1.64 3.04 -40.19
C PRO A 471 -0.23 2.87 -40.75
N GLU A 472 -0.13 2.78 -42.08
CA GLU A 472 1.15 2.60 -42.75
C GLU A 472 2.04 3.84 -42.71
N GLU A 473 1.42 5.00 -42.90
CA GLU A 473 2.17 6.26 -42.88
C GLU A 473 2.95 6.45 -41.59
N ILE A 474 2.31 6.16 -40.47
CA ILE A 474 2.97 6.30 -39.17
C ILE A 474 3.92 5.12 -38.94
N ARG A 475 3.52 3.93 -39.39
CA ARG A 475 4.32 2.72 -39.24
C ARG A 475 5.74 2.88 -39.80
N ARG A 476 5.84 3.48 -40.99
CA ARG A 476 7.14 3.67 -41.63
C ARG A 476 8.03 4.65 -40.88
N GLU A 477 7.44 5.45 -40.00
CA GLU A 477 8.19 6.43 -39.23
C GLU A 477 8.45 5.99 -37.79
N LEU A 478 7.92 4.83 -37.42
CA LEU A 478 8.10 4.30 -36.07
C LEU A 478 9.47 3.70 -35.84
N ALA A 479 10.06 4.04 -34.70
CA ALA A 479 11.37 3.55 -34.31
C ALA A 479 11.48 3.68 -32.80
N TYR A 480 12.11 2.68 -32.18
CA TYR A 480 12.28 2.67 -30.73
C TYR A 480 13.74 2.82 -30.35
N ASP A 481 14.02 3.70 -29.39
CA ASP A 481 15.39 3.96 -28.95
C ASP A 481 15.95 2.95 -27.93
N TRP A 482 17.27 2.85 -27.90
CA TRP A 482 17.96 2.00 -26.95
C TRP A 482 18.77 2.96 -26.08
N GLN A 483 18.85 4.21 -26.52
CA GLN A 483 19.60 5.24 -25.82
C GLN A 483 18.66 6.24 -25.14
N LEU A 484 19.06 6.73 -23.99
CA LEU A 484 18.26 7.76 -23.33
C LEU A 484 18.66 8.97 -24.15
N ARG A 485 17.86 10.03 -24.14
CA ARG A 485 18.22 11.20 -24.93
C ARG A 485 18.60 12.40 -24.09
N ALA A 486 19.83 12.88 -24.32
CA ALA A 486 20.35 14.02 -23.58
C ALA A 486 21.08 15.00 -24.48
N ILE A 487 22.02 15.74 -23.89
CA ILE A 487 22.82 16.73 -24.60
C ILE A 487 24.30 16.39 -24.44
N LEU A 488 24.99 16.24 -25.58
CA LEU A 488 26.42 15.88 -25.63
C LEU A 488 26.56 14.37 -25.46
N GLN A 489 26.00 13.63 -26.40
CA GLN A 489 26.06 12.18 -26.39
C GLN A 489 27.05 11.79 -27.48
N ASP A 490 28.14 11.16 -27.06
CA ASP A 490 29.22 10.79 -27.96
C ASP A 490 29.05 9.49 -28.76
N HIS A 491 28.98 9.64 -30.08
CA HIS A 491 28.80 8.52 -31.01
C HIS A 491 30.07 8.19 -31.80
N PHE A 492 29.97 7.09 -32.56
CA PHE A 492 31.04 6.60 -33.42
C PHE A 492 30.36 5.79 -34.52
N ILE A 493 30.30 6.34 -35.73
CA ILE A 493 29.65 5.62 -36.83
C ILE A 493 30.50 5.51 -38.08
N LYS A 494 30.12 4.58 -38.96
CA LYS A 494 30.85 4.36 -40.21
C LYS A 494 30.56 5.49 -41.20
N PRO A 495 31.60 5.97 -41.90
CA PRO A 495 31.52 7.04 -42.89
C PRO A 495 30.35 6.92 -43.86
N GLU A 496 30.09 5.70 -44.32
CA GLU A 496 29.01 5.44 -45.26
C GLU A 496 27.63 5.36 -44.62
N GLU A 497 27.57 5.50 -43.30
CA GLU A 497 26.28 5.42 -42.63
C GLU A 497 25.34 6.52 -43.12
N THR A 498 24.06 6.19 -43.26
CA THR A 498 23.07 7.15 -43.73
C THR A 498 22.20 7.74 -42.62
N LEU A 499 21.55 8.85 -42.93
CA LEU A 499 20.69 9.54 -41.98
C LEU A 499 19.51 8.64 -41.60
N ASP A 500 18.76 8.18 -42.60
CA ASP A 500 17.61 7.32 -42.36
C ASP A 500 17.95 6.17 -41.42
N ASN A 501 19.09 5.53 -41.64
CA ASN A 501 19.52 4.44 -40.79
C ASN A 501 19.60 4.95 -39.35
N TYR A 502 20.24 6.10 -39.20
CA TYR A 502 20.43 6.75 -37.91
C TYR A 502 19.10 7.27 -37.35
N ARG A 503 18.35 7.96 -38.20
CA ARG A 503 17.06 8.53 -37.84
C ARG A 503 16.26 7.41 -37.17
N LEU A 504 16.09 6.32 -37.90
CA LEU A 504 15.41 5.16 -37.36
C LEU A 504 16.53 4.56 -36.54
N VAL A 505 16.27 3.49 -35.80
CA VAL A 505 17.36 2.93 -34.99
C VAL A 505 17.92 1.68 -35.65
N LYS A 506 18.49 1.86 -36.84
CA LYS A 506 19.06 0.77 -37.60
C LYS A 506 20.59 0.86 -37.62
N TYR A 507 21.09 2.04 -37.90
CA TYR A 507 22.53 2.32 -37.98
C TYR A 507 23.38 1.49 -37.04
N HIS A 508 24.66 1.35 -37.38
CA HIS A 508 25.58 0.58 -36.57
C HIS A 508 26.37 1.50 -35.64
N GLU A 509 26.09 1.41 -34.33
CA GLU A 509 26.80 2.22 -33.36
C GLU A 509 28.10 1.51 -33.08
N LEU A 510 29.21 2.13 -33.45
CA LEU A 510 30.54 1.56 -33.27
C LEU A 510 31.14 1.80 -31.90
N GLY A 511 30.86 2.95 -31.30
CA GLY A 511 31.42 3.26 -29.99
C GLY A 511 30.57 2.76 -28.83
N ASP A 512 31.15 2.79 -27.64
CA ASP A 512 30.46 2.38 -26.42
C ASP A 512 30.57 3.52 -25.40
N PHE A 513 30.32 4.74 -25.86
CA PHE A 513 30.41 5.92 -24.98
C PHE A 513 29.06 6.57 -24.69
N VAL A 514 28.06 6.25 -25.50
CA VAL A 514 26.73 6.82 -25.31
C VAL A 514 26.10 6.47 -23.97
N ASN A 515 26.00 5.17 -23.68
CA ASN A 515 25.39 4.72 -22.43
C ASN A 515 26.33 4.12 -21.40
N GLN A 516 27.61 4.52 -21.43
CA GLN A 516 28.57 4.00 -20.47
C GLN A 516 29.18 5.13 -19.62
N PRO A 517 29.65 4.81 -18.42
CA PRO A 517 30.23 5.79 -17.51
C PRO A 517 31.50 6.52 -17.95
N TYR A 518 31.70 7.71 -17.39
CA TYR A 518 32.85 8.55 -17.66
C TYR A 518 33.39 9.01 -16.31
N GLU A 519 34.71 9.23 -16.25
CA GLU A 519 35.32 9.72 -15.02
C GLU A 519 35.15 11.24 -15.10
N TYR A 520 35.26 11.93 -13.98
CA TYR A 520 35.08 13.38 -14.02
C TYR A 520 35.93 14.11 -13.01
N GLU A 521 36.14 15.39 -13.26
CA GLU A 521 36.91 16.25 -12.37
C GLU A 521 36.22 17.61 -12.35
N MET A 522 35.88 18.07 -11.16
CA MET A 522 35.22 19.35 -11.00
C MET A 522 36.18 20.50 -11.31
N ILE A 523 35.69 21.48 -12.06
CA ILE A 523 36.50 22.65 -12.42
C ILE A 523 35.62 23.88 -12.27
N GLU A 524 36.24 25.02 -12.00
CA GLU A 524 35.49 26.25 -11.85
C GLU A 524 34.57 26.48 -13.04
N ASN A 525 33.27 26.57 -12.76
CA ASN A 525 32.26 26.80 -13.78
C ASN A 525 31.98 25.62 -14.72
N GLY A 526 32.35 24.41 -14.31
CA GLY A 526 32.10 23.28 -15.18
C GLY A 526 32.61 21.95 -14.69
N VAL A 527 32.82 21.02 -15.62
CA VAL A 527 33.31 19.69 -15.28
C VAL A 527 34.13 19.11 -16.43
N LYS A 528 35.12 18.31 -16.07
CA LYS A 528 35.97 17.66 -17.04
C LYS A 528 35.66 16.17 -16.95
N LEU A 529 35.26 15.57 -18.07
CA LEU A 529 34.94 14.15 -18.10
C LEU A 529 35.75 13.44 -19.17
N TRP A 530 35.98 12.15 -18.98
CA TRP A 530 36.73 11.35 -19.95
C TRP A 530 36.36 9.89 -19.76
N ARG A 531 36.41 9.12 -20.84
CA ARG A 531 36.09 7.70 -20.77
C ARG A 531 37.05 6.85 -21.59
N GLU A 532 37.61 5.83 -20.94
CA GLU A 532 38.50 4.91 -21.63
C GLU A 532 37.64 3.77 -22.17
N GLY A 533 37.11 3.96 -23.37
CA GLY A 533 36.28 2.94 -23.98
C GLY A 533 36.96 2.31 -25.17
N GLY A 534 36.21 2.11 -26.25
CA GLY A 534 36.77 1.52 -27.45
C GLY A 534 35.84 1.62 -28.64
N VAL A 535 36.40 1.50 -29.84
CA VAL A 535 35.61 1.54 -31.06
C VAL A 535 35.56 0.15 -31.68
N TYR A 536 34.45 -0.54 -31.44
CA TYR A 536 34.26 -1.90 -31.93
C TYR A 536 33.71 -1.92 -33.37
N ALA A 537 34.42 -2.64 -34.23
CA ALA A 537 34.03 -2.77 -35.64
C ALA A 537 34.42 -4.19 -36.06
N GLU A 538 35.65 -4.34 -36.56
CA GLU A 538 36.13 -5.65 -36.99
C GLU A 538 37.02 -6.18 -35.88
N GLU A 539 37.42 -5.28 -34.99
CA GLU A 539 38.25 -5.58 -33.83
C GLU A 539 38.14 -4.41 -32.86
N LYS A 540 38.40 -4.66 -31.59
CA LYS A 540 38.31 -3.61 -30.59
C LYS A 540 39.48 -2.65 -30.67
N ILE A 541 39.22 -1.45 -31.18
CA ILE A 541 40.26 -0.43 -31.29
C ILE A 541 40.03 0.51 -30.10
N PRO A 542 40.71 0.24 -28.98
CA PRO A 542 40.58 1.04 -27.77
C PRO A 542 40.72 2.54 -28.03
N ALA A 543 39.74 3.31 -27.58
CA ALA A 543 39.74 4.75 -27.77
C ALA A 543 39.46 5.49 -26.46
N ARG A 544 39.61 6.81 -26.51
CA ARG A 544 39.39 7.65 -25.34
C ARG A 544 38.68 8.94 -25.72
N VAL A 545 37.65 9.28 -24.96
CA VAL A 545 36.92 10.51 -25.20
C VAL A 545 37.09 11.46 -24.02
N GLU A 546 37.47 12.70 -24.34
CA GLU A 546 37.67 13.73 -23.33
C GLU A 546 36.78 14.91 -23.68
N LYS A 547 36.02 15.39 -22.70
CA LYS A 547 35.14 16.51 -22.93
C LYS A 547 35.22 17.47 -21.75
N LYS A 548 35.47 18.74 -22.06
CA LYS A 548 35.54 19.78 -21.04
C LYS A 548 34.26 20.60 -21.16
N ILE A 549 33.41 20.52 -20.14
CA ILE A 549 32.16 21.26 -20.16
C ILE A 549 32.17 22.40 -19.15
N GLU A 550 31.91 23.61 -19.66
CA GLU A 550 31.88 24.78 -18.81
C GLU A 550 30.63 25.60 -19.08
N LEU A 551 30.06 26.13 -18.00
CA LEU A 551 28.88 26.98 -18.13
C LEU A 551 29.34 28.38 -18.49
N THR A 552 28.58 29.03 -19.36
CA THR A 552 28.87 30.38 -19.79
C THR A 552 27.63 31.20 -19.46
N GLU A 553 27.76 32.52 -19.45
CA GLU A 553 26.62 33.36 -19.13
C GLU A 553 25.42 33.20 -20.07
N ASP A 554 25.64 32.57 -21.23
CA ASP A 554 24.54 32.39 -22.17
C ASP A 554 24.44 30.96 -22.69
N GLY A 555 24.84 30.00 -21.87
CA GLY A 555 24.78 28.61 -22.28
C GLY A 555 25.96 27.82 -21.74
N PHE A 556 26.63 27.08 -22.61
CA PHE A 556 27.78 26.31 -22.19
C PHE A 556 28.72 26.09 -23.37
N ILE A 557 29.95 25.71 -23.03
CA ILE A 557 30.94 25.41 -24.06
C ILE A 557 31.57 24.08 -23.70
N ALA A 558 31.76 23.23 -24.71
CA ALA A 558 32.36 21.92 -24.49
C ALA A 558 33.52 21.70 -25.46
N LYS A 559 34.70 21.49 -24.89
CA LYS A 559 35.93 21.26 -25.68
C LYS A 559 36.20 19.76 -25.75
N TYR A 560 36.16 19.22 -26.97
CA TYR A 560 36.38 17.79 -27.19
C TYR A 560 37.78 17.42 -27.66
N ARG A 561 38.16 16.20 -27.33
CA ARG A 561 39.46 15.62 -27.71
C ARG A 561 39.31 14.10 -27.77
N VAL A 562 39.14 13.57 -28.98
CA VAL A 562 38.98 12.13 -29.19
C VAL A 562 40.30 11.51 -29.67
N LEU A 563 40.70 10.40 -29.06
CA LEU A 563 41.95 9.74 -29.42
C LEU A 563 41.81 8.22 -29.58
N LEU A 564 42.12 7.72 -30.77
CA LEU A 564 42.07 6.28 -31.06
C LEU A 564 43.50 5.73 -30.94
N GLU A 565 43.63 4.60 -30.24
CA GLU A 565 44.96 3.99 -30.04
C GLU A 565 45.62 3.57 -31.35
N LYS A 566 44.80 3.28 -32.37
CA LYS A 566 45.31 2.86 -33.66
C LYS A 566 44.43 3.42 -34.77
N PRO A 567 45.03 3.71 -35.93
CA PRO A 567 44.32 4.26 -37.09
C PRO A 567 43.06 3.51 -37.51
N TYR A 568 42.01 4.26 -37.84
CA TYR A 568 40.73 3.70 -38.27
C TYR A 568 39.83 4.83 -38.79
N LYS A 569 39.37 4.69 -40.03
CA LYS A 569 38.52 5.70 -40.65
C LYS A 569 37.06 5.65 -40.18
N ALA A 570 36.67 6.63 -39.36
CA ALA A 570 35.31 6.69 -38.86
C ALA A 570 34.86 8.13 -38.68
N LEU A 571 33.64 8.29 -38.18
CA LEU A 571 33.06 9.61 -37.93
C LEU A 571 32.65 9.73 -36.48
N PHE A 572 33.26 10.67 -35.75
CA PHE A 572 32.89 10.89 -34.37
C PHE A 572 31.67 11.80 -34.36
N GLY A 573 30.69 11.50 -33.52
CA GLY A 573 29.50 12.32 -33.50
C GLY A 573 29.06 12.79 -32.12
N VAL A 574 28.78 14.09 -32.03
CA VAL A 574 28.32 14.68 -30.79
C VAL A 574 26.84 14.96 -31.00
N GLU A 575 25.98 14.28 -30.24
CA GLU A 575 24.55 14.50 -30.38
C GLU A 575 23.98 15.43 -29.31
N ILE A 576 23.09 16.30 -29.74
CA ILE A 576 22.44 17.25 -28.85
C ILE A 576 20.96 17.20 -29.11
N ASN A 577 20.20 16.69 -28.15
CA ASN A 577 18.76 16.61 -28.28
C ASN A 577 18.19 17.89 -27.69
N LEU A 578 17.15 18.42 -28.34
CA LEU A 578 16.52 19.66 -27.89
C LEU A 578 15.01 19.56 -27.95
N ALA A 579 14.37 20.14 -26.95
CA ALA A 579 12.92 20.14 -26.84
C ALA A 579 12.25 21.11 -27.83
N VAL A 580 12.57 20.98 -29.11
CA VAL A 580 11.97 21.82 -30.13
C VAL A 580 10.56 21.26 -30.29
N HIS A 581 9.54 22.07 -30.01
CA HIS A 581 8.17 21.57 -30.10
C HIS A 581 7.27 22.23 -31.13
N SER A 582 7.58 23.46 -31.50
CA SER A 582 6.77 24.18 -32.47
C SER A 582 7.46 24.29 -33.82
N VAL A 583 8.32 23.34 -34.13
CA VAL A 583 9.04 23.33 -35.40
C VAL A 583 8.92 21.98 -36.08
N MET A 584 7.85 21.78 -36.83
CA MET A 584 7.66 20.51 -37.52
C MET A 584 8.85 20.29 -38.42
N GLU A 585 9.92 19.77 -37.81
CA GLU A 585 11.17 19.49 -38.50
C GLU A 585 11.08 18.14 -39.19
N LYS A 586 11.91 17.95 -40.20
CA LYS A 586 11.97 16.72 -40.97
C LYS A 586 13.44 16.34 -41.18
N PRO A 587 13.70 15.06 -41.50
CA PRO A 587 15.08 14.61 -41.72
C PRO A 587 15.83 15.56 -42.63
N GLU A 588 17.06 15.92 -42.24
CA GLU A 588 17.84 16.85 -43.03
C GLU A 588 19.31 16.82 -42.61
N GLU A 589 20.19 16.85 -43.60
CA GLU A 589 21.62 16.84 -43.33
C GLU A 589 22.28 17.99 -44.08
N PHE A 590 23.34 18.54 -43.51
CA PHE A 590 24.04 19.65 -44.13
C PHE A 590 25.39 19.89 -43.48
N GLU A 591 26.25 20.60 -44.20
CA GLU A 591 27.59 20.94 -43.72
C GLU A 591 27.44 22.25 -42.96
N ALA A 592 28.00 22.34 -41.76
CA ALA A 592 27.88 23.59 -41.00
C ALA A 592 28.95 23.82 -39.94
N LYS A 593 29.28 25.10 -39.76
CA LYS A 593 30.27 25.48 -38.77
C LYS A 593 29.47 26.05 -37.60
N GLU A 594 28.30 26.59 -37.94
CA GLU A 594 27.41 27.18 -36.96
C GLU A 594 26.00 27.21 -37.54
N PHE A 595 24.99 26.98 -36.70
CA PHE A 595 23.62 27.03 -37.16
C PHE A 595 22.69 27.49 -36.04
N GLU A 596 21.51 27.97 -36.42
CA GLU A 596 20.55 28.49 -35.46
C GLU A 596 19.22 27.72 -35.47
N VAL A 597 18.54 27.71 -34.33
CA VAL A 597 17.24 27.05 -34.19
C VAL A 597 16.23 28.08 -33.67
N ASN A 598 15.04 28.09 -34.27
CA ASN A 598 14.01 29.05 -33.84
C ASN A 598 12.70 28.35 -33.53
N ASP A 599 12.44 28.16 -32.25
CA ASP A 599 11.25 27.47 -31.77
C ASP A 599 10.44 28.41 -30.87
N PRO A 600 9.69 29.34 -31.48
CA PRO A 600 8.86 30.34 -30.79
C PRO A 600 7.96 29.88 -29.66
N TYR A 601 7.31 28.73 -29.80
CA TYR A 601 6.44 28.27 -28.74
C TYR A 601 7.11 27.27 -27.81
N GLY A 602 8.36 26.93 -28.11
CA GLY A 602 9.08 25.98 -27.28
C GLY A 602 10.31 26.54 -26.59
N ILE A 603 11.49 26.17 -27.06
CA ILE A 603 12.74 26.63 -26.46
C ILE A 603 13.25 27.97 -27.00
N GLY A 604 12.44 28.62 -27.82
CA GLY A 604 12.85 29.91 -28.36
C GLY A 604 13.99 29.84 -29.35
N LYS A 605 14.93 30.77 -29.22
CA LYS A 605 16.07 30.82 -30.12
C LYS A 605 17.39 30.39 -29.48
N VAL A 606 18.12 29.52 -30.18
CA VAL A 606 19.39 29.04 -29.70
C VAL A 606 20.31 28.90 -30.90
N ARG A 607 21.60 28.88 -30.66
CA ARG A 607 22.56 28.73 -31.74
C ARG A 607 23.68 27.80 -31.30
N ILE A 608 24.09 26.92 -32.19
CA ILE A 608 25.16 26.00 -31.89
C ILE A 608 26.35 26.44 -32.74
N GLU A 609 27.47 26.72 -32.08
CA GLU A 609 28.66 27.17 -32.79
C GLU A 609 29.81 26.20 -32.63
N LEU A 610 30.42 25.83 -33.76
CA LEU A 610 31.55 24.93 -33.77
C LEU A 610 32.76 25.74 -34.22
N ASP A 611 33.95 25.25 -33.91
CA ASP A 611 35.18 25.93 -34.31
C ASP A 611 35.72 25.22 -35.53
N LYS A 612 34.86 24.49 -36.21
CA LYS A 612 35.23 23.73 -37.40
C LYS A 612 33.98 23.11 -38.02
N ALA A 613 33.81 23.29 -39.32
CA ALA A 613 32.66 22.75 -40.02
C ALA A 613 32.45 21.27 -39.73
N ALA A 614 31.20 20.83 -39.80
CA ALA A 614 30.88 19.43 -39.54
C ALA A 614 29.62 19.01 -40.28
N LYS A 615 29.41 17.70 -40.40
CA LYS A 615 28.24 17.16 -41.04
C LYS A 615 27.15 17.13 -39.97
N VAL A 616 26.05 17.83 -40.20
CA VAL A 616 24.98 17.87 -39.23
C VAL A 616 23.74 17.09 -39.64
N TRP A 617 23.40 16.10 -38.83
CA TRP A 617 22.21 15.28 -39.06
C TRP A 617 21.12 15.77 -38.11
N LYS A 618 19.95 16.02 -38.67
CA LYS A 618 18.81 16.52 -37.91
C LYS A 618 17.55 15.73 -38.20
N PHE A 619 16.81 15.39 -37.14
CA PHE A 619 15.57 14.64 -37.29
C PHE A 619 14.69 14.77 -36.05
N PRO A 620 13.37 14.88 -36.24
CA PRO A 620 12.46 15.01 -35.11
C PRO A 620 12.31 13.69 -34.36
N ILE A 621 12.20 13.77 -33.05
CA ILE A 621 12.02 12.59 -32.23
C ILE A 621 10.52 12.37 -32.17
N LYS A 622 10.05 11.37 -32.92
CA LYS A 622 8.63 11.05 -33.03
C LYS A 622 8.15 9.90 -32.15
N THR A 623 7.10 10.19 -31.40
CA THR A 623 6.48 9.23 -30.49
C THR A 623 5.04 8.92 -30.86
N LEU A 624 4.66 7.66 -30.70
CA LEU A 624 3.29 7.23 -30.99
C LEU A 624 2.55 7.11 -29.66
N SER A 625 1.48 7.86 -29.51
CA SER A 625 0.76 7.84 -28.24
C SER A 625 -0.74 7.58 -28.35
N GLN A 626 -1.28 7.06 -27.25
CA GLN A 626 -2.70 6.74 -27.15
C GLN A 626 -3.39 7.95 -26.52
N SER A 627 -4.58 8.29 -27.01
CA SER A 627 -5.35 9.41 -26.47
C SER A 627 -6.82 9.03 -26.43
N GLU A 628 -7.66 9.96 -25.95
CA GLU A 628 -9.08 9.71 -25.87
C GLU A 628 -9.74 9.91 -27.22
N ALA A 629 -9.01 10.53 -28.16
CA ALA A 629 -9.52 10.78 -29.49
C ALA A 629 -8.55 10.40 -30.63
N GLY A 630 -8.20 9.11 -30.68
CA GLY A 630 -7.30 8.63 -31.71
C GLY A 630 -5.83 8.60 -31.34
N TRP A 631 -4.99 8.25 -32.32
CA TRP A 631 -3.55 8.19 -32.11
C TRP A 631 -2.94 9.58 -31.96
N ASP A 632 -1.80 9.63 -31.28
CA ASP A 632 -1.08 10.87 -31.10
C ASP A 632 0.37 10.68 -31.53
N PHE A 633 0.70 11.14 -32.73
CA PHE A 633 2.07 11.03 -33.22
C PHE A 633 2.70 12.39 -32.97
N ILE A 634 3.40 12.50 -31.85
CA ILE A 634 3.99 13.77 -31.42
C ILE A 634 5.50 13.90 -31.49
N GLN A 635 5.95 15.09 -31.90
CA GLN A 635 7.37 15.40 -31.95
C GLN A 635 7.76 15.87 -30.54
N GLN A 636 8.53 15.05 -29.83
CA GLN A 636 8.96 15.36 -28.47
C GLN A 636 10.24 16.21 -28.46
N GLY A 637 10.80 16.42 -29.64
CA GLY A 637 12.02 17.20 -29.75
C GLY A 637 12.73 16.92 -31.05
N VAL A 638 13.92 17.49 -31.21
CA VAL A 638 14.70 17.28 -32.41
C VAL A 638 16.13 16.95 -32.04
N SER A 639 16.69 15.94 -32.70
CA SER A 639 18.07 15.54 -32.46
C SER A 639 18.99 16.22 -33.46
N TYR A 640 20.10 16.76 -32.95
CA TYR A 640 21.09 17.42 -33.78
C TYR A 640 22.40 16.76 -33.42
N THR A 641 23.04 16.15 -34.41
CA THR A 641 24.30 15.50 -34.15
C THR A 641 25.35 15.92 -35.19
N MET A 642 26.42 16.52 -34.68
CA MET A 642 27.53 17.01 -35.49
C MET A 642 28.56 15.91 -35.72
N LEU A 643 28.78 15.57 -36.99
CA LEU A 643 29.74 14.53 -37.35
C LEU A 643 31.09 15.08 -37.81
N PHE A 644 32.16 14.50 -37.29
CA PHE A 644 33.50 14.90 -37.66
C PHE A 644 34.31 13.65 -37.99
N PRO A 645 34.99 13.63 -39.15
CA PRO A 645 35.78 12.46 -39.53
C PRO A 645 37.00 12.29 -38.63
N ILE A 646 37.26 11.05 -38.22
CA ILE A 646 38.39 10.75 -37.35
C ILE A 646 39.11 9.48 -37.79
N GLU A 647 40.44 9.49 -37.69
CA GLU A 647 41.25 8.35 -38.08
C GLU A 647 42.24 7.98 -36.98
N LYS A 648 42.60 8.97 -36.17
CA LYS A 648 43.56 8.75 -35.09
C LYS A 648 43.41 9.83 -34.01
N GLU A 649 43.32 11.08 -34.44
CA GLU A 649 43.20 12.22 -33.54
C GLU A 649 42.08 13.16 -33.99
N LEU A 650 41.39 13.76 -33.02
CA LEU A 650 40.30 14.69 -33.31
C LEU A 650 40.14 15.74 -32.21
N GLU A 651 39.98 16.99 -32.60
CA GLU A 651 39.80 18.08 -31.64
C GLU A 651 38.88 19.17 -32.15
N PHE A 652 37.88 19.51 -31.34
CA PHE A 652 36.92 20.56 -31.70
C PHE A 652 36.21 21.14 -30.48
N THR A 653 35.43 22.18 -30.72
CA THR A 653 34.69 22.85 -29.67
C THR A 653 33.23 23.08 -30.07
N VAL A 654 32.32 22.77 -29.15
CA VAL A 654 30.90 22.99 -29.40
C VAL A 654 30.40 23.97 -28.36
N ARG A 655 29.75 25.03 -28.82
CA ARG A 655 29.23 26.03 -27.90
C ARG A 655 27.72 26.18 -28.10
N PHE A 656 26.97 26.12 -27.00
CA PHE A 656 25.52 26.25 -27.06
C PHE A 656 25.20 27.67 -26.63
N ARG A 657 24.43 28.38 -27.43
CA ARG A 657 24.11 29.76 -27.08
C ARG A 657 22.63 30.10 -27.05
N GLU A 658 22.22 30.67 -25.93
CA GLU A 658 20.84 31.09 -25.74
C GLU A 658 20.66 32.49 -26.33
N LEU A 659 19.70 32.62 -27.24
CA LEU A 659 19.41 33.90 -27.87
C LEU A 659 18.06 34.42 -27.41
N GLU B 2 34.40 -14.44 -14.04
CA GLU B 2 32.97 -14.10 -13.79
C GLU B 2 32.46 -14.76 -12.52
N ARG B 3 31.86 -13.96 -11.64
CA ARG B 3 31.35 -14.49 -10.38
C ARG B 3 29.95 -14.00 -10.03
N ILE B 4 29.47 -14.44 -8.88
CA ILE B 4 28.16 -14.07 -8.38
C ILE B 4 28.27 -13.94 -6.86
N ASN B 5 27.76 -12.83 -6.34
CA ASN B 5 27.77 -12.60 -4.91
C ASN B 5 26.60 -13.36 -4.33
N PHE B 6 26.80 -13.96 -3.17
CA PHE B 6 25.75 -14.72 -2.50
C PHE B 6 25.65 -14.27 -1.06
N ILE B 7 24.42 -14.01 -0.63
CA ILE B 7 24.13 -13.59 0.73
C ILE B 7 23.19 -14.63 1.31
N PHE B 8 23.58 -15.20 2.45
CA PHE B 8 22.83 -16.25 3.14
C PHE B 8 22.34 -15.77 4.50
N GLY B 9 21.03 -15.84 4.71
CA GLY B 9 20.48 -15.39 5.97
C GLY B 9 19.35 -16.26 6.50
N ILE B 10 19.09 -16.14 7.80
CA ILE B 10 18.01 -16.88 8.43
C ILE B 10 17.27 -15.99 9.42
N HIS B 11 16.01 -16.33 9.64
CA HIS B 11 15.12 -15.59 10.54
C HIS B 11 14.65 -16.56 11.62
N ASN B 12 15.08 -16.33 12.86
CA ASN B 12 14.71 -17.19 13.98
C ASN B 12 13.71 -16.50 14.90
N HIS B 13 12.56 -17.11 15.09
CA HIS B 13 11.52 -16.52 15.93
C HIS B 13 10.66 -17.52 16.66
N GLN B 14 10.15 -17.08 17.81
CA GLN B 14 9.27 -17.88 18.62
C GLN B 14 8.40 -16.79 19.25
N PRO B 15 7.07 -16.89 19.08
CA PRO B 15 6.14 -15.89 19.66
C PRO B 15 6.18 -15.74 21.17
N LEU B 16 5.98 -14.51 21.64
CA LEU B 16 5.98 -14.20 23.08
C LEU B 16 4.96 -15.06 23.82
N GLY B 17 5.42 -15.74 24.87
CA GLY B 17 4.53 -16.57 25.66
C GLY B 17 4.31 -17.95 25.08
N ASN B 18 5.21 -18.41 24.22
CA ASN B 18 5.06 -19.74 23.65
C ASN B 18 5.51 -20.75 24.72
N PHE B 19 4.93 -21.95 24.70
CA PHE B 19 5.29 -22.98 25.66
C PHE B 19 6.79 -23.12 25.79
N GLY B 20 7.27 -23.19 27.02
CA GLY B 20 8.69 -23.32 27.25
C GLY B 20 9.33 -24.48 26.50
N TRP B 21 8.60 -25.58 26.35
CA TRP B 21 9.16 -26.75 25.67
C TRP B 21 9.32 -26.56 24.17
N VAL B 22 8.52 -25.68 23.57
CA VAL B 22 8.66 -25.44 22.14
C VAL B 22 9.98 -24.70 21.91
N PHE B 23 10.30 -23.75 22.79
CA PHE B 23 11.56 -23.02 22.68
C PHE B 23 12.69 -24.03 22.80
N GLU B 24 12.55 -24.95 23.75
CA GLU B 24 13.55 -25.98 23.99
C GLU B 24 13.76 -26.84 22.75
N GLU B 25 12.65 -27.26 22.15
CA GLU B 25 12.71 -28.09 20.95
C GLU B 25 13.37 -27.34 19.78
N ALA B 26 12.92 -26.13 19.49
CA ALA B 26 13.48 -25.34 18.39
C ALA B 26 14.95 -25.03 18.64
N TYR B 27 15.32 -24.97 19.91
CA TYR B 27 16.69 -24.68 20.26
C TYR B 27 17.63 -25.85 19.94
N ASN B 28 17.26 -27.04 20.38
CA ASN B 28 18.09 -28.23 20.16
C ASN B 28 18.08 -28.79 18.74
N ARG B 29 16.96 -28.67 18.05
CA ARG B 29 16.84 -29.18 16.69
C ARG B 29 17.25 -28.19 15.60
N SER B 30 17.41 -26.91 15.94
CA SER B 30 17.77 -25.93 14.92
C SER B 30 18.73 -24.81 15.31
N TYR B 31 18.28 -23.92 16.20
CA TYR B 31 19.12 -22.79 16.61
C TYR B 31 20.51 -23.23 17.05
N ARG B 32 20.56 -24.23 17.93
CA ARG B 32 21.84 -24.73 18.44
C ARG B 32 22.68 -25.45 17.37
N PRO B 33 22.13 -26.49 16.73
CA PRO B 33 22.88 -27.22 15.70
C PRO B 33 23.44 -26.31 14.62
N PHE B 34 22.60 -25.42 14.11
CA PHE B 34 22.99 -24.49 13.06
C PHE B 34 24.27 -23.75 13.38
N MET B 35 24.32 -23.10 14.54
CA MET B 35 25.49 -22.33 14.93
C MET B 35 26.71 -23.17 15.27
N GLU B 36 26.50 -24.38 15.76
CA GLU B 36 27.61 -25.25 16.08
C GLU B 36 28.34 -25.56 14.77
N ILE B 37 27.57 -25.89 13.74
CA ILE B 37 28.14 -26.20 12.44
C ILE B 37 28.74 -24.96 11.77
N LEU B 38 28.11 -23.80 11.95
CA LEU B 38 28.64 -22.58 11.35
C LEU B 38 30.05 -22.35 11.86
N GLU B 39 30.27 -22.68 13.14
CA GLU B 39 31.57 -22.51 13.78
C GLU B 39 32.67 -23.33 13.10
N GLU B 40 32.30 -24.43 12.45
CA GLU B 40 33.27 -25.30 11.76
C GLU B 40 33.81 -24.72 10.46
N PHE B 41 33.08 -23.77 9.87
CA PHE B 41 33.52 -23.17 8.61
C PHE B 41 33.74 -21.66 8.74
N PRO B 42 34.95 -21.27 9.17
CA PRO B 42 35.39 -19.88 9.38
C PRO B 42 35.13 -18.96 8.21
N GLU B 43 35.00 -19.52 7.02
CA GLU B 43 34.76 -18.74 5.81
C GLU B 43 33.29 -18.41 5.59
N MET B 44 32.41 -19.23 6.16
CA MET B 44 30.98 -19.04 5.98
C MET B 44 30.43 -17.79 6.67
N LYS B 45 29.73 -16.96 5.90
CA LYS B 45 29.13 -15.74 6.43
C LYS B 45 27.61 -15.92 6.43
N VAL B 46 26.98 -15.58 7.55
CA VAL B 46 25.53 -15.71 7.70
C VAL B 46 24.92 -14.43 8.27
N ASN B 47 23.77 -14.04 7.76
CA ASN B 47 23.05 -12.86 8.23
C ASN B 47 21.85 -13.39 9.00
N VAL B 48 21.85 -13.16 10.31
CA VAL B 48 20.77 -13.71 11.10
C VAL B 48 19.94 -12.72 11.88
N HIS B 49 18.65 -13.03 11.95
CA HIS B 49 17.73 -12.22 12.72
C HIS B 49 17.14 -13.09 13.81
N PHE B 50 17.37 -12.68 15.06
CA PHE B 50 16.80 -13.39 16.20
C PHE B 50 15.74 -12.41 16.68
N SER B 51 14.54 -12.90 16.96
CA SER B 51 13.51 -12.00 17.44
C SER B 51 13.76 -11.80 18.92
N GLY B 52 13.28 -10.68 19.45
CA GLY B 52 13.45 -10.37 20.87
C GLY B 52 12.99 -11.45 21.82
N PRO B 53 11.79 -12.02 21.62
CA PRO B 53 11.27 -13.08 22.51
C PRO B 53 12.25 -14.24 22.62
N LEU B 54 12.75 -14.68 21.46
CA LEU B 54 13.70 -15.80 21.42
C LEU B 54 14.97 -15.46 22.19
N LEU B 55 15.49 -14.25 21.98
CA LEU B 55 16.70 -13.80 22.65
C LEU B 55 16.55 -13.72 24.16
N GLU B 56 15.36 -13.34 24.63
CA GLU B 56 15.11 -13.25 26.06
C GLU B 56 15.18 -14.65 26.66
N TRP B 57 14.61 -15.61 25.95
CA TRP B 57 14.60 -16.99 26.41
C TRP B 57 16.02 -17.57 26.44
N ILE B 58 16.75 -17.33 25.36
CA ILE B 58 18.12 -17.82 25.25
C ILE B 58 19.01 -17.27 26.36
N GLU B 59 18.94 -15.97 26.59
CA GLU B 59 19.75 -15.34 27.63
C GLU B 59 19.45 -15.90 29.02
N GLU B 60 18.24 -16.39 29.22
CA GLU B 60 17.81 -16.94 30.50
C GLU B 60 18.08 -18.44 30.66
N ASN B 61 17.80 -19.20 29.60
CA ASN B 61 17.99 -20.64 29.62
C ASN B 61 19.31 -21.17 29.04
N LYS B 62 19.84 -20.48 28.04
CA LYS B 62 21.09 -20.91 27.39
C LYS B 62 22.09 -19.78 27.17
N PRO B 63 22.47 -19.07 28.23
CA PRO B 63 23.42 -17.95 28.11
C PRO B 63 24.72 -18.24 27.36
N ASP B 64 25.12 -19.50 27.31
CA ASP B 64 26.36 -19.87 26.61
C ASP B 64 26.22 -19.67 25.10
N TYR B 65 24.99 -19.75 24.61
CA TYR B 65 24.70 -19.56 23.20
C TYR B 65 25.14 -18.15 22.81
N LEU B 66 24.85 -17.18 23.67
CA LEU B 66 25.19 -15.78 23.40
C LEU B 66 26.70 -15.56 23.31
N ASP B 67 27.47 -16.38 24.04
CA ASP B 67 28.92 -16.27 23.99
C ASP B 67 29.40 -16.73 22.62
N LEU B 68 28.74 -17.76 22.10
CA LEU B 68 29.08 -18.30 20.79
C LEU B 68 28.79 -17.25 19.71
N LEU B 69 27.62 -16.62 19.80
CA LEU B 69 27.25 -15.58 18.83
C LEU B 69 28.28 -14.47 18.87
N ARG B 70 28.72 -14.10 20.07
CA ARG B 70 29.71 -13.04 20.20
C ARG B 70 30.97 -13.38 19.43
N SER B 71 31.39 -14.64 19.48
CA SER B 71 32.58 -15.11 18.80
C SER B 71 32.39 -15.07 17.30
N LEU B 72 31.30 -15.69 16.83
CA LEU B 72 31.00 -15.72 15.41
C LEU B 72 30.94 -14.31 14.84
N ILE B 73 30.47 -13.37 15.65
CA ILE B 73 30.38 -11.97 15.23
C ILE B 73 31.77 -11.37 15.17
N LYS B 74 32.56 -11.67 16.20
CA LYS B 74 33.92 -11.15 16.29
C LYS B 74 34.83 -11.66 15.16
N ARG B 75 34.54 -12.85 14.66
CA ARG B 75 35.36 -13.41 13.58
C ARG B 75 34.74 -13.16 12.20
N GLY B 76 33.86 -12.17 12.11
CA GLY B 76 33.21 -11.81 10.86
C GLY B 76 32.30 -12.83 10.21
N GLN B 77 31.84 -13.83 10.96
CA GLN B 77 30.96 -14.84 10.39
C GLN B 77 29.47 -14.51 10.53
N LEU B 78 29.15 -13.53 11.36
CA LEU B 78 27.75 -13.18 11.56
C LEU B 78 27.42 -11.70 11.49
N GLU B 79 26.32 -11.41 10.81
CA GLU B 79 25.82 -10.06 10.73
C GLU B 79 24.48 -10.21 11.46
N ILE B 80 24.23 -9.35 12.44
CA ILE B 80 22.98 -9.43 13.17
C ILE B 80 21.94 -8.54 12.49
N VAL B 81 20.82 -9.13 12.13
CA VAL B 81 19.77 -8.37 11.47
C VAL B 81 18.69 -8.08 12.50
N VAL B 82 18.16 -6.86 12.45
CA VAL B 82 17.18 -6.41 13.41
C VAL B 82 15.72 -6.33 12.91
N ALA B 83 14.84 -5.82 13.76
CA ALA B 83 13.41 -5.66 13.50
C ALA B 83 12.85 -5.04 14.78
N GLY B 84 11.54 -5.20 14.99
CA GLY B 84 10.96 -4.70 16.23
C GLY B 84 11.21 -5.77 17.29
N PHE B 85 11.80 -5.37 18.42
CA PHE B 85 12.14 -6.32 19.49
C PHE B 85 11.14 -7.45 19.76
N TYR B 86 9.87 -7.10 19.99
CA TYR B 86 8.89 -8.14 20.28
C TYR B 86 8.18 -8.71 19.05
N GLU B 87 8.84 -8.60 17.90
CA GLU B 87 8.33 -9.11 16.64
C GLU B 87 6.94 -8.60 16.23
N PRO B 88 6.72 -7.27 16.27
CA PRO B 88 5.40 -6.76 15.87
C PRO B 88 5.39 -6.53 14.36
N VAL B 89 4.22 -6.50 13.76
CA VAL B 89 4.15 -6.18 12.35
C VAL B 89 4.27 -4.66 12.47
N LEU B 90 5.44 -4.13 12.13
CA LEU B 90 5.69 -2.70 12.25
C LEU B 90 4.59 -1.76 11.76
N ALA B 91 3.97 -2.08 10.64
CA ALA B 91 2.92 -1.25 10.09
C ALA B 91 1.65 -1.28 10.95
N ALA B 92 1.61 -2.16 11.94
CA ALA B 92 0.44 -2.29 12.79
C ALA B 92 0.55 -1.67 14.18
N ILE B 93 1.61 -0.92 14.43
CA ILE B 93 1.77 -0.28 15.73
C ILE B 93 2.09 1.19 15.50
N PRO B 94 1.84 2.05 16.50
CA PRO B 94 2.13 3.49 16.39
C PRO B 94 3.56 3.74 15.94
N LYS B 95 3.80 4.81 15.19
CA LYS B 95 5.14 5.11 14.71
C LYS B 95 6.12 5.36 15.85
N GLU B 96 5.61 5.83 16.99
CA GLU B 96 6.46 6.08 18.15
C GLU B 96 7.00 4.76 18.69
N ASP B 97 6.12 3.75 18.76
CA ASP B 97 6.50 2.45 19.26
C ASP B 97 7.45 1.72 18.30
N ARG B 98 7.33 1.99 17.00
CA ARG B 98 8.20 1.36 16.01
C ARG B 98 9.65 1.69 16.35
N LEU B 99 9.86 2.93 16.74
CA LEU B 99 11.18 3.44 17.09
C LEU B 99 11.80 2.70 18.28
N VAL B 100 11.09 2.68 19.39
CA VAL B 100 11.56 2.01 20.60
C VAL B 100 11.73 0.51 20.34
N GLN B 101 10.76 -0.08 19.66
CA GLN B 101 10.81 -1.50 19.33
C GLN B 101 12.11 -1.87 18.59
N ILE B 102 12.47 -1.06 17.60
CA ILE B 102 13.68 -1.32 16.83
C ILE B 102 14.93 -0.96 17.60
N GLU B 103 14.92 0.19 18.25
CA GLU B 103 16.07 0.62 19.03
C GLU B 103 16.44 -0.42 20.08
N MET B 104 15.42 -1.07 20.65
CA MET B 104 15.65 -2.10 21.66
C MET B 104 16.47 -3.27 21.15
N LEU B 105 16.10 -3.81 19.99
CA LEU B 105 16.82 -4.93 19.40
C LEU B 105 18.15 -4.50 18.81
N LYS B 106 18.23 -3.22 18.44
CA LYS B 106 19.45 -2.66 17.88
C LYS B 106 20.48 -2.61 19.01
N ASP B 107 19.99 -2.24 20.19
CA ASP B 107 20.83 -2.13 21.37
C ASP B 107 21.24 -3.53 21.83
N TYR B 108 20.34 -4.50 21.67
CA TYR B 108 20.64 -5.86 22.06
C TYR B 108 21.74 -6.41 21.14
N ALA B 109 21.67 -6.05 19.87
CA ALA B 109 22.65 -6.48 18.89
C ALA B 109 24.01 -5.87 19.23
N ARG B 110 23.97 -4.67 19.80
CA ARG B 110 25.20 -3.99 20.15
C ARG B 110 25.86 -4.73 21.32
N LYS B 111 25.04 -5.24 22.24
CA LYS B 111 25.55 -5.99 23.39
C LYS B 111 26.28 -7.25 22.92
N LEU B 112 25.88 -7.75 21.75
CA LEU B 112 26.48 -8.95 21.19
C LEU B 112 27.75 -8.62 20.41
N GLY B 113 27.94 -7.34 20.12
CA GLY B 113 29.11 -6.91 19.39
C GLY B 113 28.86 -6.47 17.97
N TYR B 114 27.61 -6.31 17.56
CA TYR B 114 27.33 -5.89 16.19
C TYR B 114 26.48 -4.62 16.06
N ASP B 115 26.89 -3.75 15.15
CA ASP B 115 26.18 -2.50 14.87
C ASP B 115 25.20 -2.77 13.73
N ALA B 116 23.96 -3.16 14.09
CA ALA B 116 22.94 -3.49 13.11
C ALA B 116 22.55 -2.35 12.17
N LYS B 117 22.40 -2.68 10.89
CA LYS B 117 22.03 -1.70 9.87
C LYS B 117 20.86 -2.20 9.04
N GLY B 118 20.53 -3.48 9.20
CA GLY B 118 19.44 -4.03 8.42
C GLY B 118 18.25 -4.50 9.22
N VAL B 119 17.11 -4.62 8.55
CA VAL B 119 15.89 -5.06 9.18
C VAL B 119 15.20 -6.13 8.38
N TRP B 120 14.56 -7.05 9.12
CA TRP B 120 13.80 -8.15 8.57
C TRP B 120 12.34 -7.77 8.73
N LEU B 121 11.54 -7.92 7.68
CA LEU B 121 10.13 -7.60 7.75
C LEU B 121 9.34 -8.75 8.34
N THR B 122 8.76 -8.53 9.51
CA THR B 122 7.99 -9.56 10.18
C THR B 122 6.79 -9.92 9.31
N GLU B 123 6.61 -11.22 9.09
CA GLU B 123 5.52 -11.71 8.23
C GLU B 123 5.57 -11.09 6.83
N ARG B 124 6.73 -10.54 6.46
CA ARG B 124 6.93 -9.97 5.14
C ARG B 124 5.96 -8.83 4.78
N VAL B 125 5.37 -8.18 5.77
CA VAL B 125 4.41 -7.11 5.51
C VAL B 125 5.02 -5.74 5.23
N TRP B 126 4.81 -5.25 4.01
CA TRP B 126 5.34 -3.94 3.63
C TRP B 126 4.28 -2.87 3.48
N GLN B 127 4.59 -1.69 4.00
CA GLN B 127 3.75 -0.49 3.90
C GLN B 127 4.76 0.65 3.82
N PRO B 128 4.62 1.53 2.82
CA PRO B 128 5.50 2.68 2.58
C PRO B 128 5.91 3.56 3.77
N GLU B 129 5.00 3.75 4.72
CA GLU B 129 5.29 4.57 5.88
C GLU B 129 6.47 4.04 6.71
N LEU B 130 6.88 2.81 6.44
CA LEU B 130 7.99 2.22 7.18
C LEU B 130 9.34 2.85 6.86
N VAL B 131 9.48 3.38 5.63
CA VAL B 131 10.74 4.00 5.23
C VAL B 131 11.19 5.04 6.24
N LYS B 132 10.27 5.92 6.64
CA LYS B 132 10.55 6.98 7.61
C LYS B 132 10.98 6.43 8.97
N SER B 133 10.17 5.54 9.53
CA SER B 133 10.45 4.92 10.81
C SER B 133 11.81 4.22 10.81
N LEU B 134 12.06 3.40 9.78
CA LEU B 134 13.32 2.68 9.68
C LEU B 134 14.49 3.65 9.67
N ARG B 135 14.42 4.66 8.82
CA ARG B 135 15.50 5.63 8.72
C ARG B 135 15.71 6.41 10.03
N GLU B 136 14.62 6.72 10.72
CA GLU B 136 14.75 7.43 11.99
C GLU B 136 15.50 6.55 13.00
N ALA B 137 15.29 5.24 12.90
CA ALA B 137 15.96 4.33 13.82
C ALA B 137 17.36 3.94 13.39
N GLY B 138 17.88 4.59 12.35
CA GLY B 138 19.23 4.30 11.89
C GLY B 138 19.42 3.07 11.02
N ILE B 139 18.34 2.57 10.44
CA ILE B 139 18.41 1.38 9.58
C ILE B 139 18.72 1.79 8.14
N GLU B 140 19.65 1.09 7.50
CA GLU B 140 20.03 1.41 6.13
C GLU B 140 19.39 0.53 5.07
N TYR B 141 18.87 -0.64 5.46
CA TYR B 141 18.27 -1.53 4.48
C TYR B 141 17.23 -2.46 5.06
N VAL B 142 16.42 -3.04 4.19
CA VAL B 142 15.38 -3.96 4.59
C VAL B 142 15.33 -5.13 3.61
N VAL B 143 15.08 -6.30 4.16
CA VAL B 143 15.00 -7.55 3.40
C VAL B 143 13.57 -7.83 2.97
N VAL B 144 13.35 -7.98 1.66
CA VAL B 144 12.01 -8.25 1.13
C VAL B 144 12.03 -9.25 -0.03
N ASP B 145 11.01 -10.09 -0.07
CA ASP B 145 10.88 -11.09 -1.13
C ASP B 145 10.73 -10.47 -2.50
N ASP B 146 11.23 -11.15 -3.53
CA ASP B 146 11.09 -10.62 -4.88
C ASP B 146 9.61 -10.54 -5.22
N TYR B 147 8.81 -11.28 -4.45
CA TYR B 147 7.36 -11.30 -4.62
C TYR B 147 6.83 -9.85 -4.69
N HIS B 148 7.36 -8.99 -3.84
CA HIS B 148 6.93 -7.59 -3.81
C HIS B 148 7.34 -6.88 -5.11
N PHE B 149 8.59 -7.04 -5.50
CA PHE B 149 9.08 -6.39 -6.72
C PHE B 149 8.33 -6.89 -7.95
N MET B 150 7.97 -8.16 -7.94
CA MET B 150 7.26 -8.74 -9.07
C MET B 150 5.85 -8.21 -9.18
N SER B 151 5.23 -7.93 -8.04
CA SER B 151 3.88 -7.37 -8.04
C SER B 151 3.99 -5.98 -8.65
N ALA B 152 5.11 -5.31 -8.37
CA ALA B 152 5.35 -3.96 -8.88
C ALA B 152 5.46 -3.96 -10.39
N GLY B 153 5.74 -5.13 -10.96
CA GLY B 153 5.86 -5.24 -12.40
C GLY B 153 7.27 -5.52 -12.90
N LEU B 154 8.18 -5.80 -11.97
CA LEU B 154 9.57 -6.11 -12.32
C LEU B 154 9.74 -7.60 -12.65
N SER B 155 10.62 -7.90 -13.60
CA SER B 155 10.89 -9.29 -13.99
C SER B 155 12.04 -9.81 -13.14
N LYS B 156 12.13 -11.14 -13.00
CA LYS B 156 13.17 -11.74 -12.19
C LYS B 156 14.59 -11.32 -12.55
N GLU B 157 14.88 -11.24 -13.85
CA GLU B 157 16.23 -10.86 -14.29
C GLU B 157 16.67 -9.47 -13.81
N GLU B 158 15.74 -8.65 -13.35
CA GLU B 158 16.11 -7.32 -12.87
C GLU B 158 16.34 -7.32 -11.35
N LEU B 159 16.02 -8.45 -10.72
CA LEU B 159 16.12 -8.57 -9.27
C LEU B 159 17.38 -9.19 -8.65
N PHE B 160 18.53 -9.02 -9.29
CA PHE B 160 19.77 -9.56 -8.75
C PHE B 160 20.68 -8.43 -8.30
N TRP B 161 20.04 -7.39 -7.79
CA TRP B 161 20.69 -6.19 -7.28
C TRP B 161 19.69 -5.58 -6.32
N PRO B 162 20.17 -4.92 -5.25
CA PRO B 162 19.20 -4.33 -4.32
C PRO B 162 18.70 -3.04 -4.99
N TYR B 163 17.61 -2.49 -4.48
CA TYR B 163 17.06 -1.26 -5.04
C TYR B 163 16.77 -0.27 -3.93
N TYR B 164 16.43 0.95 -4.35
CA TYR B 164 16.04 2.00 -3.43
C TYR B 164 14.53 2.07 -3.52
N THR B 165 13.91 2.62 -2.49
CA THR B 165 12.49 2.84 -2.47
C THR B 165 12.33 4.08 -1.61
N GLU B 166 11.37 4.95 -1.94
CA GLU B 166 11.22 6.16 -1.14
C GLU B 166 9.79 6.43 -0.72
N ASP B 167 9.68 7.21 0.35
CA ASP B 167 8.41 7.61 0.91
C ASP B 167 8.72 8.71 1.92
N GLY B 168 7.82 9.68 2.04
CA GLY B 168 8.05 10.77 2.95
C GLY B 168 9.29 11.55 2.51
N GLY B 169 9.70 11.36 1.27
CA GLY B 169 10.86 12.07 0.76
C GLY B 169 12.17 11.36 1.00
N GLU B 170 12.20 10.48 2.00
CA GLU B 170 13.40 9.72 2.33
C GLU B 170 13.45 8.36 1.63
N VAL B 171 14.65 7.81 1.50
CA VAL B 171 14.82 6.52 0.85
C VAL B 171 15.53 5.51 1.74
N ILE B 172 15.38 4.23 1.40
CA ILE B 172 16.02 3.15 2.12
C ILE B 172 16.31 2.06 1.12
N THR B 173 17.30 1.22 1.41
CA THR B 173 17.68 0.13 0.53
C THR B 173 16.85 -1.11 0.82
N VAL B 174 16.46 -1.81 -0.25
CA VAL B 174 15.68 -3.03 -0.10
C VAL B 174 16.31 -4.16 -0.93
N PHE B 175 16.53 -5.30 -0.28
CA PHE B 175 17.12 -6.47 -0.94
C PHE B 175 16.08 -7.50 -1.30
N PRO B 176 15.95 -7.83 -2.59
CA PRO B 176 14.97 -8.84 -2.97
C PRO B 176 15.49 -10.24 -2.64
N ILE B 177 14.61 -11.06 -2.08
CA ILE B 177 14.97 -12.43 -1.73
C ILE B 177 14.54 -13.36 -2.86
N ASP B 178 15.51 -14.10 -3.38
CA ASP B 178 15.28 -15.03 -4.47
C ASP B 178 14.31 -16.14 -4.11
N GLU B 179 13.22 -16.22 -4.85
CA GLU B 179 12.19 -17.24 -4.60
C GLU B 179 12.68 -18.68 -4.85
N LYS B 180 13.46 -18.87 -5.92
CA LYS B 180 13.96 -20.19 -6.26
C LYS B 180 14.86 -20.75 -5.15
N LEU B 181 15.74 -19.92 -4.60
CA LEU B 181 16.63 -20.36 -3.53
C LEU B 181 15.87 -20.88 -2.30
N ARG B 182 14.65 -20.38 -2.06
CA ARG B 182 13.87 -20.84 -0.91
C ARG B 182 13.42 -22.28 -1.14
N TYR B 183 13.21 -22.64 -2.41
CA TYR B 183 12.81 -23.99 -2.76
C TYR B 183 14.02 -24.93 -2.75
N LEU B 184 15.19 -24.41 -3.10
CA LEU B 184 16.40 -25.22 -3.14
C LEU B 184 17.04 -25.47 -1.77
N ILE B 185 16.98 -24.45 -0.92
CA ILE B 185 17.57 -24.49 0.40
C ILE B 185 16.52 -24.64 1.50
N PRO B 186 16.61 -25.72 2.30
CA PRO B 186 17.64 -26.76 2.23
C PRO B 186 17.03 -28.08 1.75
N PHE B 187 15.82 -28.00 1.20
CA PHE B 187 15.12 -29.19 0.74
C PHE B 187 15.74 -29.97 -0.41
N ARG B 188 16.42 -29.27 -1.32
CA ARG B 188 17.02 -29.97 -2.44
C ARG B 188 18.50 -30.24 -2.23
N PRO B 189 19.10 -31.12 -3.06
CA PRO B 189 20.52 -31.48 -2.99
C PRO B 189 21.43 -30.26 -3.11
N VAL B 190 22.45 -30.20 -2.27
CA VAL B 190 23.40 -29.10 -2.27
C VAL B 190 23.86 -28.62 -3.65
N LYS B 191 24.20 -29.56 -4.55
CA LYS B 191 24.67 -29.19 -5.88
C LYS B 191 23.62 -28.42 -6.67
N LYS B 192 22.36 -28.67 -6.37
CA LYS B 192 21.26 -28.01 -7.06
C LYS B 192 21.34 -26.49 -6.84
N THR B 193 21.78 -26.09 -5.65
CA THR B 193 21.94 -24.68 -5.33
C THR B 193 23.21 -24.13 -5.97
N ILE B 194 24.26 -24.94 -5.97
CA ILE B 194 25.53 -24.51 -6.56
C ILE B 194 25.33 -24.30 -8.06
N GLU B 195 24.59 -25.21 -8.69
CA GLU B 195 24.34 -25.09 -10.11
C GLU B 195 23.58 -23.81 -10.40
N TYR B 196 22.50 -23.58 -9.68
CA TYR B 196 21.71 -22.38 -9.88
C TYR B 196 22.53 -21.09 -9.77
N LEU B 197 23.33 -20.98 -8.71
CA LEU B 197 24.15 -19.79 -8.53
C LEU B 197 25.21 -19.63 -9.63
N GLU B 198 25.91 -20.72 -9.94
CA GLU B 198 26.92 -20.67 -10.98
C GLU B 198 26.31 -20.21 -12.30
N SER B 199 25.02 -20.50 -12.47
CA SER B 199 24.31 -20.10 -13.67
C SER B 199 24.00 -18.60 -13.71
N LEU B 200 24.04 -17.94 -12.55
CA LEU B 200 23.75 -16.51 -12.48
C LEU B 200 25.00 -15.67 -12.75
N THR B 201 26.14 -16.36 -12.78
CA THR B 201 27.44 -15.75 -13.04
C THR B 201 27.43 -14.67 -14.14
N SER B 202 28.29 -13.66 -13.99
CA SER B 202 28.36 -12.55 -14.96
C SER B 202 29.65 -11.73 -14.85
N ASP B 203 29.77 -10.76 -15.74
CA ASP B 203 30.92 -9.86 -15.75
C ASP B 203 30.70 -8.76 -14.72
N ASP B 204 29.43 -8.44 -14.48
CA ASP B 204 29.03 -7.42 -13.51
C ASP B 204 29.39 -7.94 -12.12
N PRO B 205 30.41 -7.35 -11.47
CA PRO B 205 30.85 -7.77 -10.14
C PRO B 205 29.92 -7.44 -8.98
N SER B 206 28.79 -6.83 -9.27
CA SER B 206 27.87 -6.46 -8.21
C SER B 206 26.59 -7.28 -8.20
N LYS B 207 26.42 -8.15 -9.20
CA LYS B 207 25.22 -8.97 -9.24
C LYS B 207 25.21 -9.85 -7.99
N VAL B 208 24.05 -10.00 -7.36
CA VAL B 208 23.97 -10.81 -6.15
C VAL B 208 22.67 -11.59 -6.04
N ALA B 209 22.75 -12.76 -5.40
CA ALA B 209 21.59 -13.61 -5.18
C ALA B 209 21.42 -13.70 -3.67
N VAL B 210 20.18 -13.57 -3.20
CA VAL B 210 19.92 -13.60 -1.77
C VAL B 210 18.97 -14.68 -1.24
N PHE B 211 19.43 -15.39 -0.22
CA PHE B 211 18.59 -16.38 0.41
C PHE B 211 18.33 -15.87 1.83
N HIS B 212 17.08 -15.88 2.26
CA HIS B 212 16.75 -15.47 3.62
C HIS B 212 15.36 -15.99 3.96
N ASP B 213 15.32 -17.06 4.73
CA ASP B 213 14.08 -17.69 5.11
C ASP B 213 14.08 -18.07 6.60
N ASP B 214 12.97 -18.65 7.06
CA ASP B 214 12.83 -19.05 8.45
C ASP B 214 13.94 -20.01 8.87
N GLY B 215 14.52 -19.76 10.04
CA GLY B 215 15.58 -20.61 10.54
C GLY B 215 15.08 -21.97 10.94
N GLU B 216 13.78 -22.08 11.24
CA GLU B 216 13.22 -23.36 11.65
C GLU B 216 13.23 -24.40 10.52
N LYS B 217 13.46 -23.97 9.28
CA LYS B 217 13.52 -24.92 8.17
C LYS B 217 14.74 -25.84 8.36
N PHE B 218 15.74 -25.34 9.09
CA PHE B 218 16.95 -26.10 9.33
C PHE B 218 16.94 -26.86 10.65
N GLY B 219 15.99 -27.80 10.78
CA GLY B 219 15.91 -28.59 11.99
C GLY B 219 14.55 -28.85 12.59
N VAL B 220 13.69 -27.82 12.66
CA VAL B 220 12.36 -27.98 13.25
C VAL B 220 11.29 -28.54 12.32
N TRP B 221 11.13 -27.93 11.14
CA TRP B 221 10.13 -28.40 10.18
C TRP B 221 10.21 -29.91 9.97
N PRO B 222 9.07 -30.56 9.69
CA PRO B 222 8.94 -32.00 9.46
C PRO B 222 10.03 -32.66 8.63
N GLY B 223 10.79 -33.54 9.28
CA GLY B 223 11.86 -34.27 8.60
C GLY B 223 13.09 -33.48 8.19
N THR B 224 13.26 -32.27 8.71
CA THR B 224 14.43 -31.47 8.35
C THR B 224 15.62 -31.73 9.26
N TYR B 225 15.39 -32.23 10.47
CA TYR B 225 16.51 -32.48 11.36
C TYR B 225 17.35 -33.63 10.81
N GLU B 226 16.68 -34.63 10.25
CA GLU B 226 17.39 -35.78 9.70
C GLU B 226 18.09 -35.40 8.39
N TRP B 227 17.41 -34.63 7.56
CA TRP B 227 17.98 -34.24 6.30
C TRP B 227 19.10 -33.20 6.43
N VAL B 228 18.94 -32.26 7.34
CA VAL B 228 19.93 -31.20 7.51
C VAL B 228 21.12 -31.54 8.40
N TYR B 229 20.89 -32.21 9.52
CA TYR B 229 21.99 -32.54 10.42
C TYR B 229 22.43 -34.01 10.40
N GLU B 230 21.48 -34.92 10.52
CA GLU B 230 21.83 -36.35 10.51
C GLU B 230 22.46 -36.77 9.18
N LYS B 231 22.01 -36.18 8.08
CA LYS B 231 22.55 -36.52 6.77
C LYS B 231 23.56 -35.52 6.24
N GLY B 232 23.86 -34.51 7.04
CA GLY B 232 24.86 -33.51 6.69
C GLY B 232 24.65 -32.50 5.58
N TRP B 233 23.40 -32.21 5.20
CA TRP B 233 23.16 -31.22 4.15
C TRP B 233 23.80 -29.87 4.47
N LEU B 234 23.62 -29.41 5.70
CA LEU B 234 24.15 -28.13 6.12
C LEU B 234 25.68 -28.11 6.03
N ARG B 235 26.31 -29.19 6.49
CA ARG B 235 27.76 -29.30 6.46
C ARG B 235 28.26 -29.30 5.00
N GLU B 236 27.62 -30.12 4.17
CA GLU B 236 27.97 -30.22 2.77
C GLU B 236 27.79 -28.86 2.09
N PHE B 237 26.72 -28.17 2.46
CA PHE B 237 26.41 -26.85 1.89
C PHE B 237 27.43 -25.78 2.25
N PHE B 238 27.72 -25.64 3.55
CA PHE B 238 28.69 -24.63 3.99
C PHE B 238 30.03 -24.89 3.34
N ASP B 239 30.32 -26.16 3.10
CA ASP B 239 31.59 -26.54 2.49
C ASP B 239 31.66 -26.14 1.01
N ALA B 240 30.62 -26.46 0.26
CA ALA B 240 30.58 -26.13 -1.18
C ALA B 240 30.54 -24.63 -1.38
N ILE B 241 29.69 -23.96 -0.62
CA ILE B 241 29.52 -22.52 -0.70
C ILE B 241 30.80 -21.74 -0.41
N THR B 242 31.64 -22.25 0.48
CA THR B 242 32.87 -21.53 0.83
C THR B 242 34.11 -21.90 0.04
N SER B 243 33.99 -22.79 -0.93
CA SER B 243 35.16 -23.17 -1.72
C SER B 243 34.88 -23.22 -3.22
N ASN B 244 33.98 -22.35 -3.68
CA ASN B 244 33.65 -22.28 -5.10
C ASN B 244 34.16 -20.94 -5.60
N GLU B 245 35.12 -20.97 -6.51
CA GLU B 245 35.75 -19.77 -7.08
C GLU B 245 34.77 -18.81 -7.75
N LYS B 246 33.63 -19.31 -8.23
CA LYS B 246 32.66 -18.47 -8.91
C LYS B 246 31.62 -17.83 -7.98
N ILE B 247 31.67 -18.17 -6.70
CA ILE B 247 30.72 -17.66 -5.73
C ILE B 247 31.38 -16.87 -4.61
N ASN B 248 31.07 -15.59 -4.53
CA ASN B 248 31.63 -14.75 -3.50
C ASN B 248 30.60 -14.51 -2.41
N LEU B 249 30.82 -15.15 -1.26
CA LEU B 249 29.90 -15.06 -0.13
C LEU B 249 30.13 -13.77 0.65
N MET B 250 29.04 -13.15 1.10
CA MET B 250 29.17 -11.91 1.88
C MET B 250 27.92 -11.59 2.69
N THR B 251 28.03 -10.55 3.53
CA THR B 251 26.91 -10.12 4.35
C THR B 251 26.30 -8.88 3.71
N TYR B 252 25.06 -8.58 4.08
CA TYR B 252 24.37 -7.41 3.54
C TYR B 252 25.19 -6.13 3.71
N SER B 253 25.73 -5.90 4.90
CA SER B 253 26.51 -4.70 5.15
C SER B 253 27.81 -4.64 4.36
N GLU B 254 28.41 -5.79 4.09
CA GLU B 254 29.63 -5.84 3.32
C GLU B 254 29.29 -5.45 1.89
N TYR B 255 28.19 -5.97 1.39
CA TYR B 255 27.75 -5.68 0.03
C TYR B 255 27.54 -4.18 -0.16
N LEU B 256 26.75 -3.59 0.74
CA LEU B 256 26.46 -2.17 0.65
C LEU B 256 27.68 -1.28 0.88
N SER B 257 28.77 -1.87 1.37
CA SER B 257 29.99 -1.09 1.58
C SER B 257 30.77 -1.05 0.28
N LYS B 258 30.43 -1.96 -0.64
CA LYS B 258 31.13 -2.04 -1.92
C LYS B 258 30.27 -1.58 -3.10
N PHE B 259 28.99 -1.91 -3.09
CA PHE B 259 28.11 -1.52 -4.19
C PHE B 259 26.90 -0.74 -3.70
N THR B 260 26.34 0.07 -4.60
CA THR B 260 25.17 0.88 -4.30
C THR B 260 23.96 0.26 -5.01
N PRO B 261 22.74 0.57 -4.55
CA PRO B 261 21.55 0.02 -5.19
C PRO B 261 21.52 0.40 -6.68
N ARG B 262 20.84 -0.41 -7.45
CA ARG B 262 20.74 -0.28 -8.91
C ARG B 262 19.65 0.64 -9.44
N GLY B 263 18.73 1.08 -8.58
CA GLY B 263 17.67 1.94 -9.04
C GLY B 263 16.57 2.17 -8.01
N LEU B 264 15.49 2.79 -8.46
CA LEU B 264 14.38 3.10 -7.56
C LEU B 264 13.11 2.39 -7.96
N VAL B 265 12.42 1.86 -6.96
CA VAL B 265 11.17 1.16 -7.21
C VAL B 265 10.24 1.42 -6.04
N TYR B 266 8.94 1.33 -6.28
CA TYR B 266 7.95 1.52 -5.24
C TYR B 266 7.25 0.20 -5.05
N LEU B 267 7.21 -0.28 -3.82
CA LEU B 267 6.59 -1.56 -3.52
C LEU B 267 5.14 -1.39 -3.07
N PRO B 268 4.26 -2.30 -3.53
CA PRO B 268 2.85 -2.23 -3.14
C PRO B 268 2.70 -2.78 -1.73
N ILE B 269 1.51 -2.67 -1.17
CA ILE B 269 1.29 -3.21 0.17
C ILE B 269 0.96 -4.69 -0.02
N ALA B 270 1.91 -5.54 0.35
CA ALA B 270 1.75 -6.98 0.23
C ALA B 270 2.70 -7.65 1.20
N SER B 271 2.60 -8.98 1.30
CA SER B 271 3.44 -9.77 2.19
C SER B 271 3.82 -11.02 1.41
N TYR B 272 2.93 -12.01 1.37
CA TYR B 272 3.18 -13.20 0.58
C TYR B 272 1.87 -13.84 0.11
N PHE B 273 1.94 -14.62 -0.96
CA PHE B 273 0.76 -15.25 -1.53
C PHE B 273 -0.22 -15.88 -0.53
N GLU B 274 0.27 -16.79 0.31
CA GLU B 274 -0.58 -17.46 1.29
C GLU B 274 -1.25 -16.47 2.24
N MET B 275 -0.49 -15.47 2.70
CA MET B 275 -1.03 -14.46 3.62
C MET B 275 -2.24 -13.78 3.01
N SER B 276 -2.14 -13.45 1.72
CA SER B 276 -3.24 -12.78 1.01
C SER B 276 -4.47 -13.65 0.97
N GLU B 277 -4.26 -14.95 1.06
CA GLU B 277 -5.37 -15.90 1.05
C GLU B 277 -6.00 -15.90 2.43
N TRP B 278 -5.15 -16.11 3.44
CA TRP B 278 -5.60 -16.17 4.82
C TRP B 278 -6.28 -14.91 5.34
N SER B 279 -5.83 -13.74 4.87
CA SER B 279 -6.38 -12.46 5.30
C SER B 279 -7.79 -12.19 4.80
N LEU B 280 -8.25 -12.99 3.84
CA LEU B 280 -9.58 -12.81 3.28
C LEU B 280 -10.65 -13.42 4.17
N PRO B 281 -11.82 -12.77 4.26
CA PRO B 281 -12.82 -13.42 5.12
C PRO B 281 -13.04 -14.81 4.51
N ALA B 282 -13.27 -15.81 5.35
CA ALA B 282 -13.45 -17.19 4.92
C ALA B 282 -14.18 -17.41 3.58
N LYS B 283 -15.37 -16.81 3.46
CA LYS B 283 -16.16 -16.96 2.24
C LYS B 283 -15.39 -16.53 0.99
N GLN B 284 -14.64 -15.45 1.11
CA GLN B 284 -13.86 -14.92 -0.01
C GLN B 284 -12.62 -15.78 -0.24
N ALA B 285 -12.06 -16.33 0.83
CA ALA B 285 -10.87 -17.17 0.72
C ALA B 285 -11.24 -18.47 -0.01
N LYS B 286 -12.48 -18.89 0.15
CA LYS B 286 -12.96 -20.09 -0.52
C LYS B 286 -12.92 -19.77 -2.02
N LEU B 287 -13.48 -18.62 -2.36
CA LEU B 287 -13.54 -18.14 -3.74
C LEU B 287 -12.12 -18.04 -4.31
N PHE B 288 -11.19 -17.54 -3.49
CA PHE B 288 -9.80 -17.38 -3.92
C PHE B 288 -9.17 -18.73 -4.24
N VAL B 289 -9.31 -19.68 -3.32
CA VAL B 289 -8.74 -21.01 -3.52
C VAL B 289 -9.31 -21.62 -4.80
N GLU B 290 -10.61 -21.42 -5.02
CA GLU B 290 -11.26 -21.93 -6.23
C GLU B 290 -10.60 -21.36 -7.47
N PHE B 291 -10.38 -20.05 -7.45
CA PHE B 291 -9.77 -19.34 -8.58
C PHE B 291 -8.38 -19.89 -8.89
N VAL B 292 -7.50 -19.90 -7.89
CA VAL B 292 -6.14 -20.39 -8.07
C VAL B 292 -6.16 -21.85 -8.52
N GLU B 293 -7.24 -22.55 -8.23
CA GLU B 293 -7.38 -23.96 -8.62
C GLU B 293 -7.72 -24.10 -10.08
N GLN B 294 -8.81 -23.45 -10.50
CA GLN B 294 -9.24 -23.53 -11.89
C GLN B 294 -8.12 -23.07 -12.80
N LEU B 295 -7.32 -22.10 -12.35
CA LEU B 295 -6.20 -21.58 -13.14
C LEU B 295 -5.08 -22.61 -13.24
N LYS B 296 -4.81 -23.32 -12.15
CA LYS B 296 -3.77 -24.33 -12.17
C LYS B 296 -4.17 -25.52 -13.05
N GLU B 297 -5.45 -25.87 -12.98
CA GLU B 297 -6.00 -26.98 -13.75
C GLU B 297 -5.84 -26.74 -15.24
N GLU B 298 -6.03 -25.49 -15.65
CA GLU B 298 -5.91 -25.11 -17.06
C GLU B 298 -4.52 -24.57 -17.43
N GLY B 299 -3.55 -24.79 -16.55
CA GLY B 299 -2.19 -24.34 -16.81
C GLY B 299 -2.02 -22.86 -17.09
N LYS B 300 -2.89 -22.05 -16.51
CA LYS B 300 -2.84 -20.60 -16.69
C LYS B 300 -2.18 -19.89 -15.51
N PHE B 301 -2.06 -20.60 -14.40
CA PHE B 301 -1.47 -20.04 -13.18
C PHE B 301 -0.03 -19.52 -13.29
N GLU B 302 0.86 -20.34 -13.83
CA GLU B 302 2.26 -20.00 -13.98
C GLU B 302 2.59 -18.61 -14.53
N LYS B 303 1.85 -18.16 -15.55
CA LYS B 303 2.12 -16.86 -16.16
C LYS B 303 1.26 -15.69 -15.70
N TYR B 304 0.19 -15.97 -14.96
CA TYR B 304 -0.69 -14.91 -14.50
C TYR B 304 -0.67 -14.72 -12.98
N ARG B 305 0.18 -15.48 -12.30
CA ARG B 305 0.25 -15.43 -10.84
C ARG B 305 0.57 -14.05 -10.26
N VAL B 306 1.41 -13.29 -10.94
CA VAL B 306 1.77 -11.95 -10.47
C VAL B 306 0.57 -11.01 -10.44
N PHE B 307 -0.52 -11.40 -11.10
CA PHE B 307 -1.73 -10.58 -11.15
C PHE B 307 -2.82 -11.16 -10.26
N VAL B 308 -2.45 -12.09 -9.40
CA VAL B 308 -3.42 -12.70 -8.51
C VAL B 308 -3.03 -12.58 -7.06
N ARG B 309 -3.89 -11.95 -6.27
CA ARG B 309 -3.64 -11.77 -4.84
C ARG B 309 -4.96 -11.63 -4.12
N GLY B 310 -4.94 -11.90 -2.82
CA GLY B 310 -6.13 -11.78 -2.01
C GLY B 310 -6.04 -10.48 -1.24
N GLY B 311 -6.33 -10.54 0.05
CA GLY B 311 -6.30 -9.33 0.87
C GLY B 311 -4.95 -8.96 1.43
N ILE B 312 -4.97 -8.04 2.39
CA ILE B 312 -3.74 -7.57 3.03
C ILE B 312 -3.79 -7.92 4.49
N TRP B 313 -2.62 -8.04 5.10
CA TRP B 313 -2.53 -8.41 6.51
C TRP B 313 -3.46 -7.63 7.45
N LYS B 314 -3.46 -6.31 7.36
CA LYS B 314 -4.30 -5.52 8.28
C LYS B 314 -5.79 -5.80 8.16
N ASN B 315 -6.18 -6.60 7.17
CA ASN B 315 -7.60 -6.94 7.02
C ASN B 315 -8.01 -8.06 8.01
N PHE B 316 -7.05 -8.58 8.77
CA PHE B 316 -7.37 -9.60 9.77
C PHE B 316 -8.20 -8.92 10.86
N PHE B 317 -8.04 -7.61 11.00
CA PHE B 317 -8.78 -6.85 11.99
C PHE B 317 -10.25 -6.78 11.56
N PHE B 318 -10.48 -7.04 10.29
CA PHE B 318 -11.83 -7.04 9.72
C PHE B 318 -12.39 -8.46 9.82
N LYS B 319 -11.56 -9.43 9.49
CA LYS B 319 -11.92 -10.84 9.53
C LYS B 319 -12.21 -11.30 10.96
N TYR B 320 -11.42 -10.81 11.91
CA TYR B 320 -11.60 -11.19 13.31
C TYR B 320 -11.86 -10.00 14.23
N PRO B 321 -13.13 -9.79 14.61
CA PRO B 321 -13.53 -8.67 15.50
C PRO B 321 -12.72 -8.66 16.80
N GLU B 322 -12.44 -9.85 17.34
CA GLU B 322 -11.68 -9.98 18.58
C GLU B 322 -10.24 -9.52 18.39
N SER B 323 -9.70 -9.76 17.20
CA SER B 323 -8.34 -9.32 16.93
C SER B 323 -8.35 -7.81 16.90
N ASN B 324 -9.35 -7.24 16.25
CA ASN B 324 -9.46 -5.79 16.16
C ASN B 324 -9.60 -5.12 17.53
N PHE B 325 -10.51 -5.64 18.35
CA PHE B 325 -10.76 -5.10 19.69
C PHE B 325 -9.48 -5.12 20.51
N MET B 326 -8.83 -6.28 20.53
CA MET B 326 -7.59 -6.49 21.26
C MET B 326 -6.53 -5.50 20.79
N HIS B 327 -6.40 -5.36 19.47
CA HIS B 327 -5.43 -4.45 18.88
C HIS B 327 -5.70 -2.97 19.21
N LYS B 328 -6.96 -2.59 19.26
CA LYS B 328 -7.34 -1.21 19.56
C LYS B 328 -7.23 -0.86 21.03
N ARG B 329 -7.41 -1.84 21.90
CA ARG B 329 -7.24 -1.56 23.33
C ARG B 329 -5.76 -1.35 23.55
N MET B 330 -4.94 -2.02 22.73
CA MET B 330 -3.50 -1.87 22.87
C MET B 330 -3.09 -0.48 22.40
N LEU B 331 -3.66 -0.02 21.28
CA LEU B 331 -3.31 1.31 20.78
C LEU B 331 -3.73 2.33 21.84
N MET B 332 -4.96 2.17 22.34
CA MET B 332 -5.51 3.04 23.35
C MET B 332 -4.56 3.17 24.55
N VAL B 333 -4.10 2.03 25.06
CA VAL B 333 -3.19 2.00 26.19
C VAL B 333 -1.81 2.51 25.83
N SER B 334 -1.31 2.13 24.65
CA SER B 334 0.01 2.57 24.21
C SER B 334 0.11 4.08 24.25
N LYS B 335 -0.95 4.74 23.80
CA LYS B 335 -0.99 6.19 23.76
C LYS B 335 -1.05 6.77 25.18
N ALA B 336 -1.86 6.16 26.03
CA ALA B 336 -2.03 6.61 27.40
C ALA B 336 -0.79 6.47 28.29
N VAL B 337 0.11 5.53 27.97
CA VAL B 337 1.31 5.35 28.80
C VAL B 337 2.58 5.70 28.04
N ARG B 338 2.44 6.34 26.88
CA ARG B 338 3.58 6.72 26.06
C ARG B 338 4.69 7.41 26.83
N ASP B 339 4.33 8.23 27.80
CA ASP B 339 5.32 8.97 28.58
C ASP B 339 5.76 8.30 29.88
N ASN B 340 5.22 7.12 30.17
CA ASN B 340 5.60 6.39 31.38
C ASN B 340 6.41 5.16 30.97
N PRO B 341 7.75 5.30 30.95
CA PRO B 341 8.69 4.24 30.57
C PRO B 341 8.40 2.88 31.19
N GLU B 342 8.12 2.86 32.48
CA GLU B 342 7.86 1.60 33.17
C GLU B 342 6.56 0.93 32.70
N ALA B 343 5.57 1.74 32.34
CA ALA B 343 4.29 1.17 31.89
C ALA B 343 4.36 0.83 30.40
N ARG B 344 5.11 1.62 29.65
CA ARG B 344 5.24 1.42 28.21
C ARG B 344 5.96 0.11 27.89
N LYS B 345 6.87 -0.28 28.77
CA LYS B 345 7.63 -1.53 28.63
C LYS B 345 6.66 -2.69 28.37
N TYR B 346 5.54 -2.67 29.08
CA TYR B 346 4.55 -3.72 28.94
C TYR B 346 3.75 -3.66 27.63
N ILE B 347 3.38 -2.46 27.20
CA ILE B 347 2.59 -2.32 25.99
C ILE B 347 3.35 -2.79 24.75
N LEU B 348 4.66 -2.62 24.75
CA LEU B 348 5.47 -3.06 23.62
C LEU B 348 5.40 -4.58 23.50
N LYS B 349 5.41 -5.26 24.64
CA LYS B 349 5.34 -6.72 24.69
C LYS B 349 4.03 -7.21 24.07
N ALA B 350 2.96 -6.44 24.27
CA ALA B 350 1.64 -6.81 23.76
C ALA B 350 1.53 -6.71 22.23
N GLN B 351 2.58 -6.23 21.60
CA GLN B 351 2.55 -6.05 20.15
C GLN B 351 3.09 -7.21 19.31
N CYS B 352 3.42 -8.34 19.95
CA CYS B 352 3.90 -9.50 19.21
C CYS B 352 2.78 -9.85 18.23
N ASN B 353 3.12 -9.97 16.95
CA ASN B 353 2.14 -10.21 15.88
C ASN B 353 1.34 -11.50 15.86
N ASP B 354 2.01 -12.61 16.13
CA ASP B 354 1.40 -13.93 16.06
C ASP B 354 -0.05 -14.11 16.51
N ALA B 355 -0.41 -13.54 17.66
CA ALA B 355 -1.76 -13.69 18.18
C ALA B 355 -2.85 -12.86 17.49
N TYR B 356 -2.48 -11.95 16.60
CA TYR B 356 -3.49 -11.14 15.92
C TYR B 356 -4.07 -11.69 14.63
N TRP B 357 -3.53 -12.82 14.15
CA TRP B 357 -4.03 -13.40 12.91
C TRP B 357 -4.00 -14.92 12.91
N HIS B 358 -4.50 -15.51 11.83
CA HIS B 358 -4.55 -16.96 11.70
C HIS B 358 -4.38 -17.42 10.26
N GLY B 359 -3.35 -18.22 10.03
CA GLY B 359 -3.08 -18.76 8.71
C GLY B 359 -3.72 -20.12 8.57
N VAL B 360 -2.93 -21.18 8.71
CA VAL B 360 -3.45 -22.55 8.60
C VAL B 360 -3.55 -23.19 9.98
N PHE B 361 -2.76 -22.67 10.91
CA PHE B 361 -2.72 -23.16 12.28
C PHE B 361 -2.20 -22.12 13.28
N GLY B 362 -2.77 -22.16 14.49
CA GLY B 362 -2.33 -21.28 15.55
C GLY B 362 -2.77 -19.83 15.51
N GLY B 363 -1.85 -18.94 15.84
CA GLY B 363 -2.16 -17.53 15.85
C GLY B 363 -3.23 -17.22 16.88
N ILE B 364 -4.17 -16.36 16.51
CA ILE B 364 -5.23 -15.94 17.41
C ILE B 364 -6.02 -17.12 17.99
N TYR B 365 -5.92 -18.29 17.38
CA TYR B 365 -6.66 -19.45 17.88
C TYR B 365 -5.96 -20.14 19.05
N LEU B 366 -4.76 -19.68 19.40
CA LEU B 366 -4.03 -20.26 20.53
C LEU B 366 -4.21 -19.41 21.80
N PRO B 367 -5.07 -19.87 22.72
CA PRO B 367 -5.34 -19.16 23.97
C PRO B 367 -4.11 -18.63 24.70
N HIS B 368 -3.04 -19.42 24.78
CA HIS B 368 -1.86 -18.95 25.50
C HIS B 368 -1.10 -17.79 24.81
N LEU B 369 -1.24 -17.67 23.50
CA LEU B 369 -0.58 -16.58 22.79
C LEU B 369 -1.44 -15.32 22.99
N ARG B 370 -2.75 -15.53 23.05
CA ARG B 370 -3.69 -14.44 23.25
C ARG B 370 -3.56 -13.86 24.66
N ARG B 371 -3.41 -14.74 25.65
CA ARG B 371 -3.30 -14.31 27.03
C ARG B 371 -2.07 -13.44 27.28
N THR B 372 -0.99 -13.70 26.52
CA THR B 372 0.22 -12.92 26.68
C THR B 372 -0.03 -11.47 26.29
N VAL B 373 -0.81 -11.28 25.23
CA VAL B 373 -1.14 -9.93 24.76
C VAL B 373 -2.01 -9.22 25.80
N TRP B 374 -3.09 -9.86 26.20
CA TRP B 374 -3.97 -9.26 27.19
C TRP B 374 -3.28 -8.98 28.52
N GLU B 375 -2.39 -9.89 28.92
CA GLU B 375 -1.66 -9.71 30.16
C GLU B 375 -0.90 -8.39 30.18
N ASN B 376 -0.16 -8.14 29.10
CA ASN B 376 0.65 -6.93 29.00
C ASN B 376 -0.14 -5.66 28.79
N ILE B 377 -1.30 -5.76 28.15
CA ILE B 377 -2.15 -4.62 27.94
C ILE B 377 -2.60 -4.17 29.33
N ILE B 378 -3.04 -5.16 30.12
CA ILE B 378 -3.50 -4.92 31.47
C ILE B 378 -2.39 -4.39 32.37
N LYS B 379 -1.25 -5.07 32.39
CA LYS B 379 -0.15 -4.62 33.22
C LYS B 379 0.28 -3.21 32.84
N ALA B 380 0.03 -2.82 31.60
CA ALA B 380 0.40 -1.47 31.16
C ALA B 380 -0.65 -0.49 31.69
N GLN B 381 -1.91 -0.82 31.49
CA GLN B 381 -2.99 0.03 31.94
C GLN B 381 -3.15 0.15 33.46
N ARG B 382 -2.82 -0.90 34.21
CA ARG B 382 -2.95 -0.84 35.66
C ARG B 382 -2.19 0.33 36.30
N TYR B 383 -1.24 0.92 35.56
CA TYR B 383 -0.46 2.06 36.05
C TYR B 383 -1.29 3.34 36.05
N LEU B 384 -2.41 3.32 35.34
CA LEU B 384 -3.25 4.50 35.24
C LEU B 384 -4.38 4.49 36.26
N LYS B 385 -4.85 5.67 36.62
CA LYS B 385 -5.94 5.79 37.57
C LYS B 385 -7.25 5.38 36.92
N PRO B 386 -8.06 4.57 37.61
CA PRO B 386 -9.35 4.12 37.07
C PRO B 386 -10.16 5.33 36.62
N GLU B 387 -10.89 5.18 35.52
CA GLU B 387 -11.70 6.27 34.99
C GLU B 387 -12.73 5.75 34.02
N ASN B 388 -14.00 6.00 34.31
CA ASN B 388 -15.07 5.56 33.43
C ASN B 388 -15.15 6.50 32.24
N LYS B 389 -15.33 5.93 31.05
CA LYS B 389 -15.39 6.76 29.85
C LYS B 389 -16.24 6.13 28.76
N ILE B 390 -16.83 6.99 27.94
CA ILE B 390 -17.66 6.57 26.82
C ILE B 390 -16.82 6.92 25.60
N LEU B 391 -16.48 5.94 24.77
CA LEU B 391 -15.69 6.22 23.59
C LEU B 391 -15.69 5.06 22.61
N ASP B 392 -15.49 5.37 21.34
CA ASP B 392 -15.44 4.35 20.32
C ASP B 392 -14.02 3.81 20.31
N VAL B 393 -13.81 2.66 20.94
CA VAL B 393 -12.50 2.07 21.02
C VAL B 393 -11.98 1.44 19.73
N ASP B 394 -12.78 0.60 19.08
CA ASP B 394 -12.37 -0.08 17.86
C ASP B 394 -12.75 0.59 16.54
N PHE B 395 -12.92 1.91 16.59
CA PHE B 395 -13.24 2.72 15.41
C PHE B 395 -14.33 2.25 14.44
N ASP B 396 -15.52 1.96 14.94
CA ASP B 396 -16.61 1.56 14.04
C ASP B 396 -17.72 2.61 14.17
N GLY B 397 -17.45 3.65 14.95
CA GLY B 397 -18.40 4.73 15.14
C GLY B 397 -19.49 4.51 16.18
N ARG B 398 -19.45 3.38 16.88
CA ARG B 398 -20.46 3.09 17.89
C ARG B 398 -19.80 2.92 19.26
N ALA B 399 -19.83 3.98 20.05
CA ALA B 399 -19.21 4.02 21.39
C ALA B 399 -19.21 2.79 22.30
N GLU B 400 -18.11 2.64 23.04
CA GLU B 400 -17.93 1.58 24.03
C GLU B 400 -18.09 2.27 25.38
N ILE B 401 -18.37 1.49 26.41
CA ILE B 401 -18.49 2.04 27.75
C ILE B 401 -17.47 1.31 28.62
N MET B 402 -16.50 2.05 29.12
CA MET B 402 -15.48 1.46 29.97
C MET B 402 -15.69 1.84 31.43
N VAL B 403 -16.01 0.84 32.22
CA VAL B 403 -16.22 1.04 33.65
C VAL B 403 -15.01 0.45 34.35
N GLU B 404 -14.51 1.14 35.37
CA GLU B 404 -13.36 0.60 36.06
C GLU B 404 -13.11 1.10 37.49
N ASN B 405 -12.61 0.19 38.30
CA ASN B 405 -12.24 0.48 39.68
C ASN B 405 -10.78 0.06 39.76
N ASP B 406 -10.25 -0.15 40.96
CA ASP B 406 -8.84 -0.51 41.05
C ASP B 406 -8.52 -1.95 40.75
N GLY B 407 -9.56 -2.78 40.63
CA GLY B 407 -9.34 -4.18 40.36
C GLY B 407 -9.79 -4.64 38.99
N PHE B 408 -10.72 -3.91 38.37
CA PHE B 408 -11.21 -4.34 37.07
C PHE B 408 -11.47 -3.27 36.04
N ILE B 409 -11.47 -3.71 34.79
CA ILE B 409 -11.75 -2.87 33.64
C ILE B 409 -12.82 -3.63 32.87
N ALA B 410 -14.00 -3.04 32.78
CA ALA B 410 -15.08 -3.67 32.05
C ALA B 410 -15.42 -2.83 30.82
N THR B 411 -15.40 -3.46 29.65
CA THR B 411 -15.73 -2.77 28.41
C THR B 411 -17.05 -3.32 27.92
N ILE B 412 -18.04 -2.44 27.84
CA ILE B 412 -19.38 -2.82 27.40
C ILE B 412 -19.70 -2.25 26.04
N LYS B 413 -20.42 -3.03 25.23
CA LYS B 413 -20.82 -2.63 23.89
C LYS B 413 -22.34 -2.52 23.85
N PRO B 414 -22.87 -1.32 24.13
CA PRO B 414 -24.32 -1.11 24.12
C PRO B 414 -24.96 -1.59 22.81
N HIS B 415 -24.24 -1.44 21.70
CA HIS B 415 -24.74 -1.84 20.40
C HIS B 415 -24.88 -3.34 20.16
N TYR B 416 -24.21 -4.16 20.96
CA TYR B 416 -24.32 -5.60 20.79
C TYR B 416 -24.80 -6.28 22.07
N GLY B 417 -26.11 -6.27 22.27
CA GLY B 417 -26.70 -6.90 23.44
C GLY B 417 -26.38 -6.25 24.77
N GLY B 418 -25.75 -5.08 24.74
CA GLY B 418 -25.40 -4.39 25.96
C GLY B 418 -24.58 -5.26 26.91
N SER B 419 -23.81 -6.18 26.34
CA SER B 419 -23.01 -7.07 27.16
C SER B 419 -21.54 -6.67 27.31
N ILE B 420 -20.88 -7.33 28.25
CA ILE B 420 -19.48 -7.09 28.55
C ILE B 420 -18.60 -7.87 27.59
N PHE B 421 -17.79 -7.16 26.80
CA PHE B 421 -16.91 -7.82 25.86
C PHE B 421 -15.52 -7.96 26.44
N GLU B 422 -15.28 -7.24 27.53
CA GLU B 422 -14.00 -7.31 28.22
C GLU B 422 -14.20 -7.11 29.72
N LEU B 423 -13.64 -8.03 30.50
CA LEU B 423 -13.69 -7.94 31.94
C LEU B 423 -12.28 -8.32 32.36
N SER B 424 -11.42 -7.31 32.46
CA SER B 424 -10.03 -7.51 32.82
C SER B 424 -9.76 -7.39 34.30
N SER B 425 -9.03 -8.37 34.82
CA SER B 425 -8.63 -8.41 36.22
C SER B 425 -7.25 -7.77 36.36
N LYS B 426 -7.18 -6.62 37.02
CA LYS B 426 -5.90 -5.97 37.19
C LYS B 426 -4.96 -6.79 38.07
N ARG B 427 -5.56 -7.60 38.94
CA ARG B 427 -4.77 -8.44 39.83
C ARG B 427 -4.17 -9.64 39.11
N LYS B 428 -5.01 -10.38 38.40
CA LYS B 428 -4.58 -11.56 37.65
C LYS B 428 -4.01 -11.21 36.27
N ALA B 429 -4.22 -9.98 35.83
CA ALA B 429 -3.76 -9.55 34.53
C ALA B 429 -4.27 -10.55 33.50
N VAL B 430 -5.55 -10.85 33.59
CA VAL B 430 -6.18 -11.78 32.67
C VAL B 430 -7.51 -11.17 32.24
N ASN B 431 -8.00 -11.59 31.08
CA ASN B 431 -9.27 -11.09 30.55
C ASN B 431 -10.25 -12.26 30.60
N TYR B 432 -11.23 -12.19 31.49
CA TYR B 432 -12.21 -13.26 31.65
C TYR B 432 -12.98 -13.60 30.40
N ASN B 433 -12.97 -12.71 29.42
CA ASN B 433 -13.69 -12.99 28.18
C ASN B 433 -12.70 -13.20 27.03
N ASP B 434 -11.50 -13.68 27.37
CA ASP B 434 -10.49 -13.93 26.34
C ASP B 434 -10.89 -15.20 25.59
N VAL B 435 -12.03 -15.15 24.91
CA VAL B 435 -12.56 -16.28 24.15
C VAL B 435 -12.76 -15.89 22.69
N LEU B 436 -13.08 -16.89 21.87
CA LEU B 436 -13.35 -16.71 20.45
C LEU B 436 -14.60 -17.47 20.08
N PRO B 437 -15.47 -16.88 19.24
CA PRO B 437 -16.68 -17.63 18.88
C PRO B 437 -16.25 -18.74 17.91
N ARG B 438 -17.19 -19.61 17.55
CA ARG B 438 -16.86 -20.69 16.63
C ARG B 438 -17.16 -20.28 15.20
N ARG B 439 -16.09 -20.14 14.41
CA ARG B 439 -16.21 -19.71 13.03
C ARG B 439 -15.76 -20.72 11.98
N TRP B 440 -16.41 -20.68 10.83
CA TRP B 440 -16.07 -21.54 9.71
C TRP B 440 -14.90 -20.89 8.97
N GLU B 441 -13.84 -21.66 8.76
CA GLU B 441 -12.68 -21.17 8.03
C GLU B 441 -12.69 -21.92 6.70
N HIS B 442 -12.31 -21.24 5.62
CA HIS B 442 -12.33 -21.86 4.31
C HIS B 442 -11.63 -23.22 4.25
N TYR B 443 -10.58 -23.41 5.04
CA TYR B 443 -9.85 -24.68 5.00
C TYR B 443 -10.58 -25.83 5.69
N HIS B 444 -11.78 -25.58 6.20
CA HIS B 444 -12.58 -26.61 6.84
C HIS B 444 -13.16 -27.51 5.76
N GLU B 445 -12.92 -27.13 4.51
CA GLU B 445 -13.41 -27.89 3.36
C GLU B 445 -12.26 -28.57 2.62
N VAL B 446 -12.35 -29.89 2.50
CA VAL B 446 -11.33 -30.68 1.82
C VAL B 446 -11.97 -31.76 0.96
N GLN B 469 -8.14 -35.77 5.88
CA GLN B 469 -9.53 -35.31 5.85
C GLN B 469 -10.17 -35.39 7.24
N ILE B 470 -11.16 -34.52 7.48
CA ILE B 470 -11.85 -34.46 8.77
C ILE B 470 -12.50 -35.77 9.20
N PRO B 471 -12.23 -36.22 10.43
CA PRO B 471 -12.80 -37.45 10.97
C PRO B 471 -14.32 -37.34 11.15
N GLU B 472 -14.90 -38.28 11.88
CA GLU B 472 -16.34 -38.28 12.14
C GLU B 472 -16.61 -38.03 13.62
N GLU B 473 -15.67 -38.45 14.45
CA GLU B 473 -15.77 -38.26 15.89
C GLU B 473 -15.65 -36.78 16.23
N ILE B 474 -15.53 -35.96 15.19
CA ILE B 474 -15.42 -34.52 15.33
C ILE B 474 -16.59 -33.82 14.64
N ARG B 475 -16.94 -34.28 13.45
CA ARG B 475 -18.06 -33.72 12.70
C ARG B 475 -19.26 -33.58 13.63
N ARG B 476 -19.50 -34.63 14.40
CA ARG B 476 -20.59 -34.70 15.34
C ARG B 476 -20.53 -33.59 16.38
N GLU B 477 -19.31 -33.25 16.82
CA GLU B 477 -19.11 -32.21 17.83
C GLU B 477 -18.51 -30.95 17.21
N LEU B 478 -19.07 -30.51 16.08
CA LEU B 478 -18.58 -29.32 15.39
C LEU B 478 -19.74 -28.38 15.05
N ALA B 479 -19.63 -27.14 15.50
CA ALA B 479 -20.67 -26.16 15.24
C ALA B 479 -20.09 -24.77 15.01
N TYR B 480 -20.88 -23.91 14.40
CA TYR B 480 -20.47 -22.55 14.11
C TYR B 480 -21.48 -21.59 14.73
N ASP B 481 -20.96 -20.53 15.36
CA ASP B 481 -21.84 -19.55 15.99
C ASP B 481 -22.32 -18.47 15.05
N TRP B 482 -23.42 -17.84 15.43
CA TRP B 482 -24.00 -16.75 14.66
C TRP B 482 -23.86 -15.54 15.56
N GLN B 483 -23.60 -15.80 16.84
CA GLN B 483 -23.45 -14.75 17.84
C GLN B 483 -21.99 -14.59 18.22
N LEU B 484 -21.64 -13.42 18.74
CA LEU B 484 -20.28 -13.18 19.23
C LEU B 484 -20.34 -13.66 20.67
N ARG B 485 -19.20 -13.91 21.29
CA ARG B 485 -19.21 -14.38 22.65
C ARG B 485 -18.66 -13.39 23.64
N ALA B 486 -19.53 -13.00 24.58
CA ALA B 486 -19.16 -12.02 25.60
C ALA B 486 -19.70 -12.46 26.96
N ILE B 487 -19.88 -11.51 27.87
CA ILE B 487 -20.41 -11.80 29.20
C ILE B 487 -21.71 -11.02 29.37
N LEU B 488 -22.78 -11.73 29.73
CA LEU B 488 -24.13 -11.19 29.93
C LEU B 488 -24.89 -11.02 28.62
N GLN B 489 -25.11 -12.14 27.93
CA GLN B 489 -25.83 -12.14 26.68
C GLN B 489 -27.23 -12.69 26.94
N ASP B 490 -28.22 -11.82 26.71
CA ASP B 490 -29.63 -12.13 26.97
C ASP B 490 -30.36 -12.98 25.93
N HIS B 491 -30.63 -14.23 26.29
CA HIS B 491 -31.31 -15.21 25.45
C HIS B 491 -32.79 -15.42 25.83
N PHE B 492 -33.51 -16.12 24.96
CA PHE B 492 -34.93 -16.46 25.15
C PHE B 492 -35.23 -17.76 24.42
N ILE B 493 -35.37 -18.85 25.16
CA ILE B 493 -35.67 -20.15 24.54
C ILE B 493 -36.90 -20.82 25.13
N LYS B 494 -37.46 -21.75 24.36
CA LYS B 494 -38.64 -22.50 24.79
C LYS B 494 -38.21 -23.48 25.88
N PRO B 495 -39.03 -23.63 26.94
CA PRO B 495 -38.71 -24.55 28.04
C PRO B 495 -38.47 -25.99 27.55
N GLU B 496 -38.81 -26.23 26.29
CA GLU B 496 -38.66 -27.55 25.68
C GLU B 496 -37.26 -27.80 25.10
N GLU B 497 -36.52 -26.72 24.87
CA GLU B 497 -35.17 -26.83 24.29
C GLU B 497 -34.21 -27.65 25.12
N THR B 498 -33.19 -28.23 24.47
CA THR B 498 -32.22 -29.06 25.17
C THR B 498 -30.78 -28.56 25.03
N LEU B 499 -29.97 -28.85 26.05
CA LEU B 499 -28.57 -28.45 26.10
C LEU B 499 -27.77 -28.85 24.86
N ASP B 500 -28.09 -30.00 24.28
CA ASP B 500 -27.40 -30.47 23.09
C ASP B 500 -27.70 -29.64 21.84
N ASN B 501 -28.94 -29.15 21.73
CA ASN B 501 -29.32 -28.33 20.58
C ASN B 501 -28.79 -26.91 20.72
N TYR B 502 -28.52 -26.50 21.96
CA TYR B 502 -28.00 -25.18 22.26
C TYR B 502 -26.51 -25.09 21.96
N ARG B 503 -25.76 -26.10 22.42
CA ARG B 503 -24.32 -26.17 22.24
C ARG B 503 -23.92 -26.44 20.79
N LEU B 504 -24.89 -26.83 19.96
CA LEU B 504 -24.62 -27.10 18.56
C LEU B 504 -25.24 -26.05 17.66
N VAL B 505 -25.66 -24.95 18.28
CA VAL B 505 -26.27 -23.83 17.57
C VAL B 505 -27.41 -24.32 16.67
N LYS B 506 -28.15 -25.32 17.14
CA LYS B 506 -29.27 -25.87 16.38
C LYS B 506 -30.58 -25.40 17.00
N TYR B 507 -30.50 -24.99 18.27
CA TYR B 507 -31.66 -24.52 19.02
C TYR B 507 -32.38 -23.37 18.34
N HIS B 508 -33.37 -22.80 19.03
CA HIS B 508 -34.15 -21.69 18.50
C HIS B 508 -34.19 -20.50 19.45
N GLU B 509 -33.51 -19.43 19.06
CA GLU B 509 -33.47 -18.21 19.88
C GLU B 509 -34.73 -17.40 19.59
N LEU B 510 -35.63 -17.36 20.56
CA LEU B 510 -36.89 -16.66 20.43
C LEU B 510 -36.75 -15.14 20.48
N GLY B 511 -35.71 -14.65 21.15
CA GLY B 511 -35.52 -13.22 21.26
C GLY B 511 -34.51 -12.61 20.31
N ASP B 512 -34.49 -11.29 20.27
CA ASP B 512 -33.58 -10.54 19.43
C ASP B 512 -32.78 -9.58 20.32
N PHE B 513 -32.32 -10.08 21.46
CA PHE B 513 -31.58 -9.26 22.38
C PHE B 513 -30.08 -9.58 22.41
N VAL B 514 -29.71 -10.67 21.74
CA VAL B 514 -28.31 -11.07 21.71
C VAL B 514 -27.44 -10.11 20.91
N ASN B 515 -27.82 -9.84 19.66
CA ASN B 515 -27.02 -8.97 18.81
C ASN B 515 -27.69 -7.68 18.38
N GLN B 516 -28.51 -7.11 19.25
CA GLN B 516 -29.18 -5.85 18.92
C GLN B 516 -28.84 -4.78 19.93
N PRO B 517 -28.91 -3.51 19.53
CA PRO B 517 -28.60 -2.40 20.43
C PRO B 517 -29.42 -2.32 21.72
N TYR B 518 -28.84 -1.64 22.71
CA TYR B 518 -29.46 -1.42 23.99
C TYR B 518 -29.25 0.06 24.29
N GLU B 519 -30.21 0.66 24.98
CA GLU B 519 -30.12 2.06 25.38
C GLU B 519 -29.30 2.01 26.67
N TYR B 520 -28.63 3.09 27.01
CA TYR B 520 -27.81 3.08 28.23
C TYR B 520 -27.79 4.42 28.95
N GLU B 521 -27.47 4.37 30.23
CA GLU B 521 -27.36 5.57 31.06
C GLU B 521 -26.30 5.34 32.12
N MET B 522 -25.27 6.17 32.13
CA MET B 522 -24.20 6.05 33.12
C MET B 522 -24.78 6.33 34.50
N ILE B 523 -24.35 5.56 35.49
CA ILE B 523 -24.85 5.77 36.84
C ILE B 523 -23.76 6.28 37.79
N GLU B 524 -22.68 5.52 37.94
CA GLU B 524 -21.59 5.92 38.81
C GLU B 524 -20.55 4.80 38.88
N ASN B 525 -21.00 3.64 39.37
CA ASN B 525 -20.12 2.49 39.46
C ASN B 525 -20.53 1.52 38.37
N GLY B 526 -21.17 2.04 37.33
CA GLY B 526 -21.60 1.18 36.24
C GLY B 526 -22.46 1.84 35.18
N VAL B 527 -23.39 1.05 34.64
CA VAL B 527 -24.30 1.49 33.61
C VAL B 527 -25.61 0.75 33.67
N LYS B 528 -26.66 1.44 33.25
CA LYS B 528 -28.00 0.88 33.19
C LYS B 528 -28.28 0.72 31.71
N LEU B 529 -28.55 -0.50 31.28
CA LEU B 529 -28.85 -0.76 29.88
C LEU B 529 -30.22 -1.40 29.74
N TRP B 530 -30.92 -1.09 28.66
CA TRP B 530 -32.23 -1.67 28.43
C TRP B 530 -32.55 -1.69 26.95
N ARG B 531 -33.35 -2.66 26.54
CA ARG B 531 -33.75 -2.76 25.14
C ARG B 531 -35.23 -3.08 24.99
N GLU B 532 -35.88 -2.34 24.10
CA GLU B 532 -37.28 -2.56 23.81
C GLU B 532 -37.29 -3.39 22.53
N GLY B 533 -37.25 -4.71 22.70
CA GLY B 533 -37.25 -5.59 21.56
C GLY B 533 -38.50 -6.45 21.51
N GLY B 534 -38.31 -7.74 21.28
CA GLY B 534 -39.47 -8.63 21.22
C GLY B 534 -39.11 -10.11 21.21
N VAL B 535 -40.07 -10.93 21.59
CA VAL B 535 -39.90 -12.38 21.61
C VAL B 535 -40.74 -12.98 20.48
N TYR B 536 -40.07 -13.57 19.50
CA TYR B 536 -40.76 -14.16 18.35
C TYR B 536 -40.91 -15.67 18.42
N ALA B 537 -42.15 -16.12 18.25
CA ALA B 537 -42.50 -17.54 18.27
C ALA B 537 -43.52 -17.73 17.15
N GLU B 538 -44.78 -17.92 17.53
CA GLU B 538 -45.85 -18.07 16.54
C GLU B 538 -46.39 -16.65 16.41
N GLU B 539 -46.37 -15.95 17.54
CA GLU B 539 -46.85 -14.58 17.66
C GLU B 539 -45.68 -13.73 18.14
N LYS B 540 -45.68 -12.45 17.79
CA LYS B 540 -44.62 -11.54 18.21
C LYS B 540 -44.95 -10.82 19.51
N ILE B 541 -44.34 -11.26 20.61
CA ILE B 541 -44.57 -10.64 21.90
C ILE B 541 -43.49 -9.60 22.20
N PRO B 542 -43.83 -8.31 22.15
CA PRO B 542 -42.87 -7.24 22.41
C PRO B 542 -42.38 -7.26 23.86
N ALA B 543 -41.09 -7.55 24.04
CA ALA B 543 -40.51 -7.62 25.38
C ALA B 543 -39.61 -6.42 25.69
N ARG B 544 -39.17 -6.35 26.94
CA ARG B 544 -38.31 -5.27 27.40
C ARG B 544 -37.34 -5.81 28.43
N VAL B 545 -36.05 -5.75 28.13
CA VAL B 545 -35.04 -6.26 29.04
C VAL B 545 -34.24 -5.14 29.70
N GLU B 546 -34.12 -5.23 31.02
CA GLU B 546 -33.38 -4.25 31.81
C GLU B 546 -32.30 -4.94 32.61
N LYS B 547 -31.12 -4.31 32.62
CA LYS B 547 -29.99 -4.85 33.37
C LYS B 547 -29.22 -3.66 33.90
N LYS B 548 -28.81 -3.74 35.16
CA LYS B 548 -28.05 -2.67 35.78
C LYS B 548 -26.70 -3.26 36.15
N ILE B 549 -25.66 -2.85 35.42
CA ILE B 549 -24.32 -3.37 35.66
C ILE B 549 -23.50 -2.47 36.57
N GLU B 550 -22.95 -3.05 37.63
CA GLU B 550 -22.13 -2.30 38.57
C GLU B 550 -20.87 -3.06 38.96
N LEU B 551 -19.74 -2.37 38.99
CA LEU B 551 -18.51 -3.02 39.37
C LEU B 551 -18.47 -3.08 40.89
N THR B 552 -17.93 -4.18 41.40
CA THR B 552 -17.81 -4.38 42.83
C THR B 552 -16.32 -4.44 43.14
N GLU B 553 -15.97 -4.67 44.40
CA GLU B 553 -14.58 -4.74 44.81
C GLU B 553 -13.89 -5.94 44.18
N ASP B 554 -14.65 -6.98 43.87
CA ASP B 554 -14.11 -8.21 43.31
C ASP B 554 -14.91 -8.75 42.12
N GLY B 555 -15.25 -7.86 41.19
CA GLY B 555 -16.00 -8.27 40.02
C GLY B 555 -17.12 -7.32 39.71
N PHE B 556 -18.32 -7.85 39.49
CA PHE B 556 -19.45 -7.01 39.17
C PHE B 556 -20.76 -7.64 39.61
N ILE B 557 -21.83 -6.88 39.51
CA ILE B 557 -23.15 -7.37 39.86
C ILE B 557 -24.12 -6.84 38.81
N ALA B 558 -25.11 -7.64 38.46
CA ALA B 558 -26.08 -7.23 37.44
C ALA B 558 -27.50 -7.61 37.82
N LYS B 559 -28.34 -6.60 38.02
CA LYS B 559 -29.74 -6.83 38.37
C LYS B 559 -30.60 -6.76 37.11
N TYR B 560 -31.30 -7.85 36.83
CA TYR B 560 -32.16 -7.91 35.65
C TYR B 560 -33.64 -7.67 35.96
N ARG B 561 -34.38 -7.29 34.91
CA ARG B 561 -35.80 -7.03 35.02
C ARG B 561 -36.41 -7.22 33.63
N VAL B 562 -36.79 -8.45 33.33
CA VAL B 562 -37.39 -8.80 32.05
C VAL B 562 -38.92 -8.71 32.16
N LEU B 563 -39.54 -8.00 31.23
CA LEU B 563 -40.99 -7.86 31.24
C LEU B 563 -41.60 -8.04 29.85
N LEU B 564 -42.47 -9.04 29.71
CA LEU B 564 -43.14 -9.31 28.44
C LEU B 564 -44.49 -8.60 28.42
N GLU B 565 -44.85 -8.06 27.26
CA GLU B 565 -46.12 -7.35 27.12
C GLU B 565 -47.31 -8.26 27.35
N LYS B 566 -47.23 -9.49 26.87
CA LYS B 566 -48.30 -10.46 27.05
C LYS B 566 -47.75 -11.82 27.45
N PRO B 567 -48.48 -12.54 28.32
CA PRO B 567 -48.10 -13.87 28.81
C PRO B 567 -47.60 -14.84 27.74
N TYR B 568 -46.68 -15.70 28.14
CA TYR B 568 -46.10 -16.71 27.25
C TYR B 568 -45.05 -17.52 27.99
N LYS B 569 -45.10 -18.84 27.83
CA LYS B 569 -44.15 -19.74 28.48
C LYS B 569 -42.78 -19.70 27.80
N ALA B 570 -41.79 -19.16 28.51
CA ALA B 570 -40.44 -19.07 27.96
C ALA B 570 -39.38 -19.08 29.06
N LEU B 571 -38.14 -19.38 28.67
CA LEU B 571 -37.02 -19.41 29.60
C LEU B 571 -36.02 -18.32 29.25
N PHE B 572 -35.84 -17.37 30.16
CA PHE B 572 -34.90 -16.27 29.95
C PHE B 572 -33.51 -16.71 30.37
N GLY B 573 -32.55 -16.62 29.45
CA GLY B 573 -31.20 -17.03 29.77
C GLY B 573 -30.17 -15.92 29.67
N VAL B 574 -29.26 -15.91 30.63
CA VAL B 574 -28.17 -14.92 30.67
C VAL B 574 -26.89 -15.71 30.48
N GLU B 575 -26.23 -15.50 29.34
CA GLU B 575 -25.01 -16.23 29.05
C GLU B 575 -23.75 -15.48 29.46
N ILE B 576 -22.78 -16.24 29.95
CA ILE B 576 -21.51 -15.70 30.38
C ILE B 576 -20.44 -16.63 29.85
N ASN B 577 -19.60 -16.12 28.95
CA ASN B 577 -18.52 -16.91 28.39
C ASN B 577 -17.26 -16.60 29.18
N LEU B 578 -16.55 -17.64 29.60
CA LEU B 578 -15.34 -17.45 30.38
C LEU B 578 -14.14 -18.12 29.71
N ALA B 579 -12.97 -17.51 29.87
CA ALA B 579 -11.75 -18.02 29.27
C ALA B 579 -11.13 -19.19 30.02
N VAL B 580 -11.91 -20.24 30.27
CA VAL B 580 -11.41 -21.43 30.95
C VAL B 580 -10.60 -22.19 29.91
N HIS B 581 -9.28 -22.20 30.09
CA HIS B 581 -8.40 -22.84 29.11
C HIS B 581 -7.54 -24.03 29.57
N SER B 582 -7.24 -24.11 30.86
CA SER B 582 -6.40 -25.19 31.36
C SER B 582 -7.10 -26.47 31.80
N VAL B 583 -8.43 -26.45 31.83
CA VAL B 583 -9.18 -27.63 32.24
C VAL B 583 -10.18 -28.00 31.16
N MET B 584 -9.93 -29.11 30.46
CA MET B 584 -10.84 -29.55 29.43
C MET B 584 -12.20 -29.86 30.02
N GLU B 585 -13.17 -28.98 29.77
CA GLU B 585 -14.52 -29.14 30.28
C GLU B 585 -15.39 -29.97 29.36
N LYS B 586 -16.58 -30.32 29.86
CA LYS B 586 -17.54 -31.12 29.11
C LYS B 586 -18.92 -30.50 29.30
N PRO B 587 -19.87 -30.80 28.40
CA PRO B 587 -21.21 -30.23 28.55
C PRO B 587 -21.80 -30.69 29.87
N GLU B 588 -22.93 -30.10 30.27
CA GLU B 588 -23.57 -30.46 31.53
C GLU B 588 -24.66 -29.46 31.89
N GLU B 589 -25.78 -29.94 32.42
CA GLU B 589 -26.87 -29.06 32.83
C GLU B 589 -27.29 -29.33 34.26
N PHE B 590 -26.65 -28.63 35.20
CA PHE B 590 -26.95 -28.78 36.62
C PHE B 590 -27.81 -27.61 37.07
N GLU B 591 -28.42 -27.75 38.25
CA GLU B 591 -29.26 -26.69 38.79
C GLU B 591 -28.53 -26.06 39.97
N ALA B 592 -28.61 -24.74 40.09
CA ALA B 592 -27.92 -24.09 41.20
C ALA B 592 -28.30 -22.63 41.42
N LYS B 593 -27.76 -22.08 42.49
CA LYS B 593 -27.97 -20.69 42.87
C LYS B 593 -26.60 -20.06 42.92
N GLU B 594 -25.59 -20.91 43.13
CA GLU B 594 -24.20 -20.49 43.18
C GLU B 594 -23.31 -21.67 42.85
N PHE B 595 -22.20 -21.42 42.15
CA PHE B 595 -21.26 -22.48 41.79
C PHE B 595 -19.89 -21.89 41.46
N GLU B 596 -18.84 -22.67 41.72
CA GLU B 596 -17.47 -22.22 41.48
C GLU B 596 -16.83 -22.75 40.21
N VAL B 597 -15.94 -21.94 39.64
CA VAL B 597 -15.22 -22.32 38.43
C VAL B 597 -13.74 -22.19 38.73
N ASN B 598 -12.99 -23.26 38.53
CA ASN B 598 -11.56 -23.22 38.78
C ASN B 598 -10.78 -23.58 37.52
N ASP B 599 -9.86 -22.70 37.17
CA ASP B 599 -9.02 -22.87 35.98
C ASP B 599 -7.60 -22.50 36.41
N PRO B 600 -6.94 -23.39 37.17
CA PRO B 600 -5.58 -23.32 37.72
C PRO B 600 -4.52 -22.51 36.98
N TYR B 601 -4.38 -22.74 35.68
CA TYR B 601 -3.37 -22.01 34.92
C TYR B 601 -3.99 -21.05 33.91
N GLY B 602 -5.30 -20.81 34.05
CA GLY B 602 -5.98 -19.90 33.15
C GLY B 602 -6.51 -18.66 33.85
N ILE B 603 -7.83 -18.58 33.98
CA ILE B 603 -8.45 -17.43 34.63
C ILE B 603 -8.46 -17.56 36.15
N GLY B 604 -7.85 -18.64 36.66
CA GLY B 604 -7.83 -18.85 38.08
C GLY B 604 -9.19 -19.29 38.59
N LYS B 605 -9.53 -18.90 39.81
CA LYS B 605 -10.80 -19.28 40.42
C LYS B 605 -11.78 -18.12 40.45
N VAL B 606 -13.04 -18.41 40.11
CA VAL B 606 -14.10 -17.40 40.09
C VAL B 606 -15.39 -18.06 40.54
N ARG B 607 -16.39 -17.24 40.88
CA ARG B 607 -17.67 -17.75 41.34
C ARG B 607 -18.84 -16.93 40.78
N ILE B 608 -19.92 -17.62 40.44
CA ILE B 608 -21.11 -16.97 39.91
C ILE B 608 -22.21 -17.14 40.96
N GLU B 609 -22.69 -16.03 41.50
CA GLU B 609 -23.71 -16.08 42.53
C GLU B 609 -25.03 -15.44 42.11
N LEU B 610 -26.10 -16.24 42.20
CA LEU B 610 -27.43 -15.77 41.84
C LEU B 610 -28.20 -15.54 43.14
N ASP B 611 -29.25 -14.72 43.08
CA ASP B 611 -30.05 -14.43 44.26
C ASP B 611 -31.17 -15.47 44.33
N LYS B 612 -31.18 -16.36 43.35
CA LYS B 612 -32.19 -17.41 43.25
C LYS B 612 -31.68 -18.54 42.38
N ALA B 613 -32.16 -19.76 42.64
CA ALA B 613 -31.73 -20.93 41.90
C ALA B 613 -32.34 -20.95 40.49
N ALA B 614 -31.58 -21.51 39.54
CA ALA B 614 -32.02 -21.62 38.16
C ALA B 614 -31.27 -22.74 37.43
N LYS B 615 -31.71 -23.04 36.22
CA LYS B 615 -31.09 -24.09 35.41
C LYS B 615 -29.87 -23.53 34.69
N VAL B 616 -28.72 -24.15 34.93
CA VAL B 616 -27.47 -23.69 34.33
C VAL B 616 -26.93 -24.64 33.25
N TRP B 617 -26.75 -24.12 32.05
CA TRP B 617 -26.22 -24.92 30.94
C TRP B 617 -24.75 -24.55 30.74
N LYS B 618 -23.90 -25.58 30.62
CA LYS B 618 -22.48 -25.39 30.45
C LYS B 618 -21.93 -26.23 29.31
N PHE B 619 -21.11 -25.62 28.46
CA PHE B 619 -20.50 -26.33 27.34
C PHE B 619 -19.24 -25.63 26.88
N PRO B 620 -18.20 -26.40 26.51
CA PRO B 620 -16.93 -25.83 26.05
C PRO B 620 -16.97 -25.35 24.60
N ILE B 621 -16.49 -24.14 24.38
CA ILE B 621 -16.44 -23.56 23.05
C ILE B 621 -15.29 -24.24 22.30
N LYS B 622 -15.66 -25.15 21.40
CA LYS B 622 -14.69 -25.93 20.62
C LYS B 622 -14.38 -25.34 19.25
N THR B 623 -13.09 -25.27 18.93
CA THR B 623 -12.61 -24.73 17.67
C THR B 623 -11.70 -25.71 16.93
N LEU B 624 -11.96 -25.91 15.63
CA LEU B 624 -11.17 -26.83 14.80
C LEU B 624 -9.72 -26.38 14.66
N SER B 625 -8.81 -27.35 14.60
CA SER B 625 -7.38 -27.06 14.47
C SER B 625 -6.63 -28.08 13.62
N GLN B 626 -6.00 -27.61 12.55
CA GLN B 626 -5.23 -28.46 11.65
C GLN B 626 -3.77 -28.53 12.07
N SER B 627 -3.33 -29.70 12.52
CA SER B 627 -1.94 -29.84 12.94
C SER B 627 -1.26 -30.98 12.18
N GLU B 628 -0.02 -31.27 12.56
CA GLU B 628 0.74 -32.35 11.94
C GLU B 628 0.05 -33.67 12.26
N ALA B 629 -0.49 -33.75 13.47
CA ALA B 629 -1.17 -34.94 13.95
C ALA B 629 -2.54 -35.10 13.28
N GLY B 630 -3.04 -34.02 12.69
CA GLY B 630 -4.33 -34.07 12.04
C GLY B 630 -5.35 -33.13 12.67
N TRP B 631 -6.63 -33.48 12.56
CA TRP B 631 -7.69 -32.65 13.13
C TRP B 631 -7.87 -32.82 14.63
N ASP B 632 -7.90 -31.69 15.34
CA ASP B 632 -8.07 -31.66 16.78
C ASP B 632 -9.02 -30.53 17.14
N PHE B 633 -9.11 -30.25 18.45
CA PHE B 633 -9.96 -29.19 18.95
C PHE B 633 -9.19 -28.34 19.96
N ILE B 634 -9.61 -27.10 20.10
CA ILE B 634 -8.99 -26.19 21.05
C ILE B 634 -10.10 -25.53 21.85
N GLN B 635 -10.12 -25.80 23.16
CA GLN B 635 -11.12 -25.20 24.03
C GLN B 635 -10.82 -23.71 24.14
N GLN B 636 -11.65 -22.88 23.52
CA GLN B 636 -11.46 -21.43 23.55
C GLN B 636 -11.96 -20.84 24.86
N GLY B 637 -12.86 -21.57 25.50
CA GLY B 637 -13.42 -21.14 26.76
C GLY B 637 -14.66 -21.97 27.07
N VAL B 638 -15.41 -21.57 28.08
CA VAL B 638 -16.60 -22.30 28.43
C VAL B 638 -17.75 -21.34 28.58
N SER B 639 -18.91 -21.75 28.08
CA SER B 639 -20.11 -20.92 28.15
C SER B 639 -21.07 -21.41 29.24
N TYR B 640 -21.45 -20.49 30.12
CA TYR B 640 -22.37 -20.81 31.21
C TYR B 640 -23.59 -19.92 31.01
N THR B 641 -24.75 -20.54 30.82
CA THR B 641 -25.95 -19.77 30.63
C THR B 641 -26.97 -20.12 31.72
N MET B 642 -27.38 -19.11 32.47
CA MET B 642 -28.34 -19.30 33.55
C MET B 642 -29.75 -19.09 33.05
N LEU B 643 -30.54 -20.17 33.08
CA LEU B 643 -31.93 -20.12 32.61
C LEU B 643 -32.93 -19.95 33.76
N PHE B 644 -33.83 -18.98 33.59
CA PHE B 644 -34.87 -18.70 34.57
C PHE B 644 -36.23 -18.80 33.88
N PRO B 645 -37.18 -19.55 34.48
CA PRO B 645 -38.51 -19.66 33.86
C PRO B 645 -39.23 -18.33 33.87
N ILE B 646 -39.86 -17.98 32.75
CA ILE B 646 -40.58 -16.72 32.65
C ILE B 646 -41.90 -16.86 31.89
N GLU B 647 -42.80 -15.90 32.10
CA GLU B 647 -44.09 -15.90 31.44
C GLU B 647 -44.65 -14.48 31.34
N LYS B 648 -44.28 -13.63 32.29
CA LYS B 648 -44.76 -12.26 32.30
C LYS B 648 -43.82 -11.36 33.11
N GLU B 649 -43.44 -11.81 34.30
CA GLU B 649 -42.56 -11.05 35.17
C GLU B 649 -41.35 -11.86 35.58
N LEU B 650 -40.22 -11.19 35.80
CA LEU B 650 -38.99 -11.86 36.20
C LEU B 650 -37.92 -10.86 36.64
N GLU B 651 -37.37 -11.09 37.82
CA GLU B 651 -36.33 -10.24 38.37
C GLU B 651 -35.34 -11.11 39.13
N PHE B 652 -34.06 -10.94 38.82
CA PHE B 652 -33.01 -11.71 39.47
C PHE B 652 -31.72 -10.91 39.48
N THR B 653 -30.71 -11.43 40.16
CA THR B 653 -29.43 -10.75 40.25
C THR B 653 -28.29 -11.73 40.08
N VAL B 654 -27.38 -11.41 39.15
CA VAL B 654 -26.22 -12.26 38.90
C VAL B 654 -24.99 -11.53 39.39
N ARG B 655 -24.12 -12.24 40.09
CA ARG B 655 -22.91 -11.65 40.61
C ARG B 655 -21.70 -12.45 40.16
N PHE B 656 -20.60 -11.75 39.87
CA PHE B 656 -19.37 -12.37 39.43
C PHE B 656 -18.29 -12.04 40.45
N ARG B 657 -17.80 -13.04 41.16
CA ARG B 657 -16.77 -12.83 42.16
C ARG B 657 -15.43 -13.38 41.71
N GLU B 658 -14.37 -12.60 41.93
CA GLU B 658 -13.04 -13.05 41.58
C GLU B 658 -12.47 -13.70 42.84
N LEU B 659 -11.70 -14.76 42.67
CA LEU B 659 -11.11 -15.45 43.81
C LEU B 659 -9.60 -15.61 43.60
CA CA C . 21.48 9.14 -9.79
CA CA D . -17.07 0.67 18.77
CA CA E . 18.78 -15.62 35.23
C TRS F . 6.55 -17.82 11.22
C1 TRS F . 7.15 -16.41 11.51
C2 TRS F . 5.04 -17.60 11.64
C3 TRS F . 7.05 -18.95 12.14
N TRS F . 6.79 -18.02 9.82
O1 TRS F . 8.54 -16.60 11.12
O2 TRS F . 4.26 -17.45 10.43
O3 TRS F . 8.21 -18.58 13.01
#